data_9K2J
#
_entry.id   9K2J
#
_cell.length_a   289.160
_cell.length_b   289.160
_cell.length_c   65.870
_cell.angle_alpha   90.00
_cell.angle_beta   90.00
_cell.angle_gamma   90.00
#
_symmetry.space_group_name_H-M   'I 41 2 2'
#
loop_
_entity.id
_entity.type
_entity.pdbx_description
1 polymer '3-hydroxyisobutyrate dehydrogenase'
2 non-polymer 'SULFATE ION'
#
_entity_poly.entity_id   1
_entity_poly.type   'polypeptide(L)'
_entity_poly.pdbx_seq_one_letter_code
;MQIGFIGVGLMGGPLARNLIRAGKDVTVYDLSPEAVKKTLAAGNTGKAAASLADLADKDIVFTSLPLPTHVLGVVLGNDG
LLEKLKPGATHIELSTIDPQTSVKLEAAARAKGCHFLQCTLGKTPAHAEKAEEPLFIGGDKAIFDELAALWPIIGSPAYY
MGTVEASCAVKLISNMVGMTNLAVLAEGIRIGEKAGIKRSQLLTLLQDTGARSFQMDVRGPWIANDDFANRFGLDLALKD
VRLGCEMAEAWGMKIPAMMAALGIFKKASATGLGSEDCNAIYKVTE
;
_entity_poly.pdbx_strand_id   A,B,C
#
loop_
_chem_comp.id
_chem_comp.type
_chem_comp.name
_chem_comp.formula
SO4 non-polymer 'SULFATE ION' 'O4 S -2'
#
# COMPACT_ATOMS: atom_id res chain seq x y z
N MET A 1 32.74 2.62 12.17
CA MET A 1 31.46 2.93 11.48
C MET A 1 31.52 3.27 9.89
N GLN A 2 30.61 2.61 9.14
CA GLN A 2 30.72 2.56 7.69
C GLN A 2 29.78 3.48 6.91
N ILE A 3 30.36 4.49 6.24
CA ILE A 3 29.66 5.54 5.52
C ILE A 3 29.84 5.31 4.03
N GLY A 4 28.75 5.47 3.30
CA GLY A 4 28.76 5.58 1.86
C GLY A 4 28.30 6.98 1.48
N PHE A 5 28.68 7.45 0.30
CA PHE A 5 28.46 8.86 -0.02
C PHE A 5 28.28 8.97 -1.53
N ILE A 6 27.05 9.17 -1.97
CA ILE A 6 26.70 9.18 -3.38
C ILE A 6 26.60 10.64 -3.82
N GLY A 7 27.52 11.04 -4.69
CA GLY A 7 27.53 12.39 -5.22
C GLY A 7 28.45 13.30 -4.44
N VAL A 8 29.68 13.48 -4.92
CA VAL A 8 30.60 14.39 -4.24
C VAL A 8 30.75 15.63 -5.12
N GLY A 9 29.62 16.25 -5.42
CA GLY A 9 29.60 17.43 -6.28
C GLY A 9 30.01 18.68 -5.53
N LEU A 10 29.39 19.80 -5.91
CA LEU A 10 29.88 21.10 -5.48
C LEU A 10 29.69 21.33 -3.98
N MET A 11 28.55 20.93 -3.42
CA MET A 11 28.35 20.99 -1.96
C MET A 11 28.57 19.64 -1.27
N GLY A 12 28.35 18.52 -1.94
CA GLY A 12 28.54 17.23 -1.28
C GLY A 12 30.01 16.91 -1.08
N GLY A 13 30.85 17.21 -2.07
CA GLY A 13 32.27 16.97 -2.00
C GLY A 13 32.95 17.51 -0.76
N PRO A 14 32.68 18.78 -0.41
CA PRO A 14 33.28 19.31 0.83
C PRO A 14 32.88 18.56 2.09
N LEU A 15 31.61 18.13 2.19
CA LEU A 15 31.22 17.35 3.37
C LEU A 15 31.90 15.99 3.41
N ALA A 16 31.98 15.32 2.26
CA ALA A 16 32.70 14.04 2.20
C ALA A 16 34.17 14.22 2.55
N ARG A 17 34.82 15.25 1.99
CA ARG A 17 36.20 15.55 2.36
C ARG A 17 36.33 15.75 3.86
N ASN A 18 35.41 16.48 4.48
CA ASN A 18 35.55 16.73 5.91
C ASN A 18 35.40 15.44 6.71
N LEU A 19 34.51 14.57 6.25
CA LEU A 19 34.38 13.24 6.85
C LEU A 19 35.68 12.45 6.72
N ILE A 20 36.34 12.54 5.55
CA ILE A 20 37.59 11.81 5.34
C ILE A 20 38.70 12.37 6.23
N ARG A 21 38.84 13.70 6.29
CA ARG A 21 39.85 14.33 7.13
C ARG A 21 39.69 13.93 8.59
N ALA A 22 38.44 13.72 9.04
CA ALA A 22 38.15 13.30 10.40
C ALA A 22 38.39 11.82 10.64
N GLY A 23 38.87 11.08 9.64
CA GLY A 23 39.27 9.70 9.80
C GLY A 23 38.18 8.68 9.60
N LYS A 24 37.02 9.08 9.08
CA LYS A 24 35.89 8.18 9.01
C LYS A 24 36.01 7.28 7.77
N ASP A 25 35.30 6.14 7.79
CA ASP A 25 35.40 5.18 6.69
C ASP A 25 34.37 5.49 5.61
N VAL A 26 34.74 6.41 4.71
CA VAL A 26 33.86 6.90 3.66
C VAL A 26 34.23 6.23 2.35
N THR A 27 33.24 5.67 1.65
CA THR A 27 33.50 5.19 0.30
C THR A 27 32.56 5.99 -0.60
N VAL A 28 33.16 6.72 -1.52
CA VAL A 28 32.47 7.62 -2.43
C VAL A 28 32.06 6.90 -3.71
N TYR A 29 30.88 7.24 -4.20
CA TYR A 29 30.36 6.74 -5.47
C TYR A 29 29.86 7.94 -6.26
N ASP A 30 30.50 8.24 -7.38
CA ASP A 30 30.12 9.36 -8.24
C ASP A 30 30.44 9.00 -9.69
N LEU A 31 29.53 9.35 -10.61
CA LEU A 31 29.76 9.04 -12.03
C LEU A 31 30.89 9.86 -12.65
N SER A 32 31.30 10.96 -12.00
CA SER A 32 32.46 11.72 -12.43
C SER A 32 33.71 11.12 -11.79
N PRO A 33 34.63 10.54 -12.55
CA PRO A 33 35.77 9.90 -11.90
C PRO A 33 36.66 10.91 -11.20
N GLU A 34 36.65 12.17 -11.65
CA GLU A 34 37.62 13.04 -11.03
C GLU A 34 37.05 13.90 -9.92
N ALA A 35 35.73 14.05 -9.86
CA ALA A 35 35.11 14.44 -8.60
C ALA A 35 35.52 13.48 -7.50
N VAL A 36 35.43 12.17 -7.80
CA VAL A 36 35.85 11.14 -6.85
C VAL A 36 37.31 11.34 -6.48
N LYS A 37 38.16 11.56 -7.48
CA LYS A 37 39.58 11.73 -7.18
C LYS A 37 39.83 12.93 -6.27
N LYS A 38 39.18 14.06 -6.56
CA LYS A 38 39.35 15.29 -5.77
C LYS A 38 38.95 15.11 -4.31
N THR A 39 37.82 14.44 -4.08
CA THR A 39 37.32 14.25 -2.72
C THR A 39 38.13 13.19 -1.98
N LEU A 40 38.59 12.19 -2.74
CA LEU A 40 39.31 11.05 -2.21
C LEU A 40 40.73 11.43 -1.82
N ALA A 41 41.25 12.51 -2.41
CA ALA A 41 42.57 13.05 -2.14
C ALA A 41 42.67 13.84 -0.84
N ALA A 42 41.68 13.79 0.05
CA ALA A 42 41.77 14.53 1.28
C ALA A 42 42.35 13.70 2.42
N GLY A 43 42.65 12.44 2.16
CA GLY A 43 43.15 11.53 3.16
C GLY A 43 43.20 10.12 2.61
N ASN A 44 43.82 9.25 3.39
CA ASN A 44 43.98 7.85 2.99
C ASN A 44 42.87 6.96 3.56
N THR A 45 41.91 7.55 4.24
CA THR A 45 40.86 6.81 4.90
C THR A 45 39.59 6.70 4.06
N GLY A 46 39.57 7.30 2.89
CA GLY A 46 38.41 7.27 2.02
C GLY A 46 38.76 6.49 0.77
N LYS A 47 37.78 5.73 0.27
CA LYS A 47 37.97 4.87 -0.88
C LYS A 47 36.83 5.05 -1.86
N ALA A 48 37.05 4.64 -3.10
CA ALA A 48 36.06 4.79 -4.17
C ALA A 48 35.27 3.49 -4.33
N ALA A 49 34.12 3.59 -4.99
CA ALA A 49 33.18 2.48 -5.11
C ALA A 49 33.06 2.07 -6.56
N ALA A 50 33.26 0.77 -6.82
CA ALA A 50 33.17 0.26 -8.19
C ALA A 50 31.75 0.37 -8.72
N SER A 51 30.76 0.10 -7.88
CA SER A 51 29.38 0.13 -8.33
C SER A 51 28.51 0.50 -7.14
N LEU A 52 27.22 0.58 -7.39
CA LEU A 52 26.29 0.96 -6.33
C LEU A 52 26.25 -0.10 -5.23
N ALA A 53 26.32 -1.38 -5.61
CA ALA A 53 26.22 -2.44 -4.61
C ALA A 53 27.37 -2.43 -3.62
N ASP A 54 28.46 -1.70 -3.90
CA ASP A 54 29.54 -1.56 -2.93
C ASP A 54 29.10 -0.81 -1.70
N LEU A 55 27.96 -0.12 -1.77
CA LEU A 55 27.43 0.65 -0.65
C LEU A 55 26.38 -0.11 0.13
N ALA A 56 26.16 -1.40 -0.20
CA ALA A 56 25.08 -2.18 0.40
C ALA A 56 25.33 -2.49 1.88
N ASP A 57 26.57 -2.76 2.27
CA ASP A 57 26.86 -3.00 3.68
C ASP A 57 26.85 -1.78 4.57
N LYS A 58 26.68 -0.58 4.01
CA LYS A 58 26.98 0.65 4.75
C LYS A 58 25.93 1.00 5.81
N ASP A 59 26.43 1.62 6.90
CA ASP A 59 25.60 2.01 8.05
C ASP A 59 24.92 3.35 7.82
N ILE A 60 25.64 4.31 7.22
CA ILE A 60 25.07 5.61 6.89
C ILE A 60 25.38 5.87 5.43
N VAL A 61 24.37 6.31 4.67
CA VAL A 61 24.61 6.70 3.28
C VAL A 61 24.13 8.11 3.07
N PHE A 62 25.05 8.98 2.64
CA PHE A 62 24.75 10.34 2.27
C PHE A 62 24.44 10.39 0.78
N THR A 63 23.48 11.22 0.42
CA THR A 63 23.17 11.48 -0.97
C THR A 63 23.16 12.98 -1.23
N SER A 64 23.89 13.41 -2.26
CA SER A 64 23.96 14.82 -2.65
C SER A 64 24.00 14.88 -4.18
N LEU A 65 22.85 15.16 -4.81
CA LEU A 65 22.66 15.06 -6.25
C LEU A 65 21.86 16.26 -6.74
N PRO A 66 21.95 16.58 -8.05
CA PRO A 66 21.43 17.86 -8.55
C PRO A 66 19.92 17.99 -8.67
N LEU A 67 19.21 16.90 -8.92
CA LEU A 67 17.77 16.94 -9.18
C LEU A 67 17.04 15.94 -8.32
N PRO A 68 15.76 16.20 -8.00
CA PRO A 68 14.99 15.18 -7.26
C PRO A 68 14.83 13.87 -8.03
N THR A 69 14.74 13.99 -9.36
CA THR A 69 14.68 12.82 -10.23
C THR A 69 15.90 11.91 -10.01
N HIS A 70 17.08 12.51 -9.85
CA HIS A 70 18.29 11.73 -9.64
C HIS A 70 18.28 11.00 -8.30
N VAL A 71 17.84 11.66 -7.24
CA VAL A 71 17.80 11.00 -5.94
C VAL A 71 16.85 9.82 -5.98
N LEU A 72 15.64 10.02 -6.54
CA LEU A 72 14.70 8.92 -6.65
C LEU A 72 15.26 7.79 -7.51
N GLY A 73 15.94 8.13 -8.61
CA GLY A 73 16.48 7.09 -9.46
C GLY A 73 17.57 6.27 -8.79
N VAL A 74 18.44 6.92 -8.03
CA VAL A 74 19.55 6.21 -7.37
C VAL A 74 19.05 5.41 -6.17
N VAL A 75 18.07 5.93 -5.43
CA VAL A 75 17.69 5.30 -4.16
C VAL A 75 16.50 4.36 -4.27
N LEU A 76 15.60 4.57 -5.22
CA LEU A 76 14.29 3.92 -5.19
C LEU A 76 13.96 3.05 -6.37
N GLY A 77 14.91 2.72 -7.24
CA GLY A 77 14.67 1.65 -8.18
C GLY A 77 14.53 0.29 -7.47
N ASN A 78 14.18 -0.75 -8.26
CA ASN A 78 14.24 -2.14 -7.78
C ASN A 78 15.70 -2.59 -7.60
N ASP A 79 16.57 -2.21 -8.51
CA ASP A 79 18.02 -2.24 -8.40
C ASP A 79 18.64 -0.90 -7.99
N GLY A 80 17.94 -0.15 -7.15
CA GLY A 80 18.44 1.07 -6.55
C GLY A 80 19.04 0.79 -5.17
N LEU A 81 19.48 1.88 -4.52
CA LEU A 81 20.30 1.75 -3.31
C LEU A 81 19.52 1.19 -2.12
N LEU A 82 18.28 1.63 -1.94
CA LEU A 82 17.55 1.32 -0.70
C LEU A 82 17.33 -0.18 -0.54
N GLU A 83 17.12 -0.90 -1.63
CA GLU A 83 16.85 -2.34 -1.54
C GLU A 83 18.06 -3.10 -1.00
N LYS A 84 19.26 -2.53 -1.11
CA LYS A 84 20.49 -3.20 -0.73
C LYS A 84 20.96 -2.81 0.67
N LEU A 85 20.11 -2.22 1.48
CA LEU A 85 20.56 -1.69 2.76
C LEU A 85 20.17 -2.58 3.94
N LYS A 86 21.08 -2.67 4.91
CA LYS A 86 20.76 -3.29 6.19
C LYS A 86 19.59 -2.54 6.83
N PRO A 87 18.61 -3.22 7.37
CA PRO A 87 17.66 -2.51 8.24
C PRO A 87 18.43 -1.90 9.41
N GLY A 88 18.06 -0.69 9.78
CA GLY A 88 18.78 0.07 10.78
C GLY A 88 19.73 1.07 10.19
N ALA A 89 20.03 0.92 8.90
CA ALA A 89 20.86 1.90 8.21
C ALA A 89 20.09 3.20 8.05
N THR A 90 20.84 4.28 7.90
CA THR A 90 20.26 5.60 7.82
C THR A 90 20.65 6.25 6.49
N HIS A 91 19.67 6.77 5.79
CA HIS A 91 19.87 7.55 4.60
C HIS A 91 19.78 9.02 5.00
N ILE A 92 20.89 9.74 4.84
CA ILE A 92 20.91 11.19 5.03
C ILE A 92 20.93 11.81 3.64
N GLU A 93 19.97 12.69 3.40
CA GLU A 93 19.76 13.29 2.09
C GLU A 93 20.19 14.75 2.11
N LEU A 94 21.29 15.06 1.42
CA LEU A 94 21.82 16.41 1.46
C LEU A 94 21.33 17.31 0.32
N SER A 95 20.53 16.78 -0.63
CA SER A 95 20.21 17.53 -1.84
C SER A 95 19.14 18.55 -1.56
N THR A 96 19.20 19.68 -2.29
CA THR A 96 18.13 20.67 -2.23
C THR A 96 16.97 20.15 -3.09
N ILE A 97 16.14 19.32 -2.46
CA ILE A 97 14.97 18.76 -3.14
C ILE A 97 13.70 19.34 -2.50
N ASP A 98 12.57 19.11 -3.17
CA ASP A 98 11.26 19.57 -2.76
C ASP A 98 10.62 18.64 -1.72
N PRO A 99 9.64 19.13 -0.95
CA PRO A 99 9.11 18.31 0.14
C PRO A 99 8.39 17.06 -0.31
N GLN A 100 7.67 17.13 -1.43
CA GLN A 100 7.01 15.93 -1.94
C GLN A 100 8.00 14.79 -2.10
N THR A 101 9.16 15.09 -2.72
CA THR A 101 10.13 14.04 -2.98
C THR A 101 10.72 13.49 -1.68
N SER A 102 11.10 14.35 -0.75
CA SER A 102 11.78 13.78 0.41
C SER A 102 10.81 13.04 1.31
N VAL A 103 9.53 13.42 1.29
CA VAL A 103 8.56 12.64 2.05
C VAL A 103 8.42 11.24 1.47
N LYS A 104 8.41 11.16 0.14
CA LYS A 104 8.40 9.85 -0.54
C LYS A 104 9.62 9.02 -0.15
N LEU A 105 10.79 9.68 -0.12
CA LEU A 105 12.02 9.02 0.29
C LEU A 105 11.91 8.47 1.71
N GLU A 106 11.42 9.31 2.64
CA GLU A 106 11.32 8.91 4.03
C GLU A 106 10.35 7.75 4.22
N ALA A 107 9.22 7.76 3.50
CA ALA A 107 8.26 6.67 3.65
C ALA A 107 8.83 5.37 3.08
N ALA A 108 9.57 5.46 1.96
CA ALA A 108 10.31 4.30 1.50
C ALA A 108 11.23 3.73 2.58
N ALA A 109 12.08 4.60 3.16
CA ALA A 109 13.03 4.15 4.17
C ALA A 109 12.32 3.51 5.37
N ARG A 110 11.25 4.16 5.89
CA ARG A 110 10.54 3.60 7.05
C ARG A 110 9.86 2.30 6.70
N ALA A 111 9.37 2.16 5.45
CA ALA A 111 8.69 0.93 5.05
C ALA A 111 9.66 -0.24 4.92
N LYS A 112 10.94 0.04 4.64
CA LYS A 112 11.97 -1.01 4.62
C LYS A 112 12.58 -1.30 5.99
N GLY A 113 12.46 -0.39 6.95
CA GLY A 113 13.17 -0.50 8.22
C GLY A 113 14.43 0.32 8.35
N CYS A 114 14.61 1.33 7.53
CA CYS A 114 15.76 2.20 7.60
C CYS A 114 15.33 3.56 8.13
N HIS A 115 16.31 4.34 8.56
CA HIS A 115 16.05 5.69 9.04
C HIS A 115 16.34 6.68 7.92
N PHE A 116 15.71 7.85 7.97
CA PHE A 116 15.90 8.85 6.92
C PHE A 116 15.89 10.24 7.53
N LEU A 117 16.91 11.03 7.20
CA LEU A 117 16.96 12.42 7.58
C LEU A 117 17.13 13.26 6.32
N GLN A 118 16.46 14.39 6.27
CA GLN A 118 16.78 15.42 5.31
C GLN A 118 17.78 16.37 5.92
N CYS A 119 18.76 16.79 5.15
CA CYS A 119 19.78 17.61 5.72
C CYS A 119 20.23 18.61 4.65
N THR A 120 19.43 19.65 4.46
CA THR A 120 19.80 20.65 3.45
C THR A 120 20.86 21.61 4.00
N LEU A 121 21.64 22.17 3.07
CA LEU A 121 22.86 22.91 3.42
C LEU A 121 22.75 24.38 3.04
N GLY A 122 23.11 25.27 3.95
CA GLY A 122 23.12 26.69 3.63
C GLY A 122 24.47 27.19 3.15
N LYS A 123 24.50 28.48 2.84
CA LYS A 123 25.71 29.23 2.50
C LYS A 123 26.41 28.62 1.27
N THR A 124 27.75 28.74 1.20
CA THR A 124 28.55 28.51 -0.02
C THR A 124 29.29 27.18 0.06
N PRO A 125 29.77 26.63 -1.06
CA PRO A 125 30.73 25.52 -0.94
C PRO A 125 31.96 25.93 -0.18
N ALA A 126 32.39 27.19 -0.32
CA ALA A 126 33.50 27.71 0.47
C ALA A 126 33.28 27.49 1.97
N HIS A 127 32.07 27.82 2.45
CA HIS A 127 31.69 27.52 3.83
C HIS A 127 31.73 26.02 4.10
N ALA A 128 31.11 25.24 3.20
CA ALA A 128 31.00 23.80 3.42
C ALA A 128 32.36 23.15 3.59
N GLU A 129 33.38 23.69 2.92
CA GLU A 129 34.74 23.17 3.05
C GLU A 129 35.22 23.22 4.49
N LYS A 130 34.89 24.30 5.20
CA LYS A 130 35.34 24.51 6.56
C LYS A 130 34.35 24.02 7.60
N ALA A 131 33.28 23.33 7.14
CA ALA A 131 32.14 22.94 7.98
C ALA A 131 31.54 24.14 8.72
N GLU A 132 31.45 25.27 8.03
CA GLU A 132 30.93 26.52 8.58
C GLU A 132 29.60 26.95 7.92
N GLU A 133 28.94 26.03 7.14
CA GLU A 133 27.63 25.98 6.50
C GLU A 133 26.53 25.49 7.46
N PRO A 134 25.34 26.09 7.46
CA PRO A 134 24.29 25.58 8.34
C PRO A 134 23.75 24.26 7.82
N LEU A 135 23.34 23.40 8.75
CA LEU A 135 22.62 22.17 8.40
C LEU A 135 21.19 22.33 8.87
N PHE A 136 20.24 22.15 7.96
CA PHE A 136 18.81 22.11 8.29
C PHE A 136 18.39 20.64 8.24
N ILE A 137 18.36 20.00 9.41
CA ILE A 137 18.03 18.58 9.52
C ILE A 137 16.57 18.44 9.90
N GLY A 138 15.85 17.62 9.13
CA GLY A 138 14.50 17.25 9.46
C GLY A 138 14.37 15.74 9.42
N GLY A 139 13.37 15.24 10.13
CA GLY A 139 13.20 13.82 10.21
C GLY A 139 13.13 13.39 11.65
N ASP A 140 13.20 12.08 11.86
CA ASP A 140 13.04 11.47 13.17
C ASP A 140 13.99 12.06 14.21
N LYS A 141 13.44 12.75 15.22
CA LYS A 141 14.29 13.38 16.24
C LYS A 141 15.26 12.38 16.86
N ALA A 142 14.86 11.11 16.94
CA ALA A 142 15.73 10.09 17.52
C ALA A 142 17.05 9.97 16.75
N ILE A 143 16.99 10.04 15.42
CA ILE A 143 18.20 9.87 14.62
C ILE A 143 19.08 11.13 14.67
N PHE A 144 18.49 12.32 14.56
CA PHE A 144 19.24 13.55 14.77
C PHE A 144 19.99 13.52 16.10
N ASP A 145 19.34 13.02 17.16
CA ASP A 145 19.98 13.00 18.47
C ASP A 145 21.08 11.93 18.53
N GLU A 146 20.78 10.75 17.99
CA GLU A 146 21.73 9.65 17.94
C GLU A 146 23.02 10.05 17.22
N LEU A 147 22.90 10.88 16.18
CA LEU A 147 24.03 11.27 15.35
C LEU A 147 24.68 12.57 15.83
N ALA A 148 24.54 12.90 17.12
CA ALA A 148 24.99 14.18 17.65
C ALA A 148 26.48 14.41 17.41
N ALA A 149 27.29 13.34 17.46
CA ALA A 149 28.74 13.45 17.27
C ALA A 149 29.15 13.70 15.82
N LEU A 150 28.31 13.32 14.87
CA LEU A 150 28.62 13.43 13.45
C LEU A 150 28.49 14.88 12.95
N TRP A 151 27.40 15.57 13.33
CA TRP A 151 27.07 16.86 12.74
C TRP A 151 28.20 17.89 12.81
N PRO A 152 28.87 18.12 13.95
CA PRO A 152 29.91 19.16 13.97
C PRO A 152 31.01 18.92 12.96
N ILE A 153 31.19 17.68 12.50
CA ILE A 153 32.21 17.41 11.51
C ILE A 153 31.79 17.98 10.15
N ILE A 154 30.49 17.95 9.84
CA ILE A 154 30.06 18.36 8.51
C ILE A 154 29.48 19.77 8.50
N GLY A 155 28.79 20.20 9.57
CA GLY A 155 28.16 21.51 9.56
C GLY A 155 28.23 22.32 10.83
N SER A 156 28.05 23.68 10.60
CA SER A 156 28.08 25.03 11.25
C SER A 156 27.18 24.99 12.50
N PRO A 157 25.85 25.48 12.53
CA PRO A 157 24.99 24.99 13.61
C PRO A 157 24.16 23.85 13.07
N ALA A 158 23.88 22.86 13.92
CA ALA A 158 23.01 21.77 13.50
C ALA A 158 21.60 22.14 13.91
N TYR A 159 20.87 22.76 12.99
CA TYR A 159 19.50 23.18 13.24
C TYR A 159 18.59 21.98 13.05
N TYR A 160 17.71 21.72 14.02
CA TYR A 160 16.72 20.64 13.92
C TYR A 160 15.38 21.23 13.50
N MET A 161 14.93 20.90 12.27
CA MET A 161 13.71 21.47 11.72
C MET A 161 12.45 20.70 12.10
N GLY A 162 12.57 19.54 12.74
CA GLY A 162 11.38 18.74 13.00
C GLY A 162 10.98 17.84 11.84
N THR A 163 10.11 18.33 10.95
CA THR A 163 9.66 17.53 9.83
C THR A 163 10.61 17.66 8.64
N VAL A 164 10.59 16.63 7.80
CA VAL A 164 11.44 16.63 6.60
C VAL A 164 11.02 17.74 5.63
N GLU A 165 9.72 18.07 5.60
CA GLU A 165 9.27 19.07 4.64
C GLU A 165 9.74 20.46 5.07
N ALA A 166 9.83 20.68 6.39
CA ALA A 166 10.42 21.92 6.89
C ALA A 166 11.87 22.04 6.44
N SER A 167 12.63 20.94 6.49
CA SER A 167 14.02 20.99 6.05
C SER A 167 14.15 21.40 4.60
N CYS A 168 13.37 20.78 3.71
CA CYS A 168 13.40 21.24 2.31
C CYS A 168 12.97 22.70 2.20
N ALA A 169 11.94 23.08 2.95
CA ALA A 169 11.29 24.35 2.71
C ALA A 169 12.16 25.50 3.15
N VAL A 170 12.86 25.37 4.27
CA VAL A 170 13.65 26.51 4.69
C VAL A 170 14.76 26.80 3.68
N LYS A 171 15.41 25.74 3.14
CA LYS A 171 16.42 25.94 2.08
C LYS A 171 15.82 26.61 0.86
N LEU A 172 14.72 26.08 0.36
CA LEU A 172 14.12 26.65 -0.84
C LEU A 172 13.64 28.08 -0.59
N ILE A 173 13.04 28.35 0.56
CA ILE A 173 12.55 29.70 0.84
C ILE A 173 13.71 30.67 0.88
N SER A 174 14.83 30.28 1.50
CA SER A 174 15.95 31.20 1.55
C SER A 174 16.43 31.52 0.15
N ASN A 175 16.43 30.53 -0.74
CA ASN A 175 16.85 30.85 -2.10
C ASN A 175 15.78 31.63 -2.87
N MET A 176 14.50 31.35 -2.64
CA MET A 176 13.41 32.09 -3.29
C MET A 176 13.44 33.56 -2.89
N VAL A 177 13.54 33.82 -1.58
CA VAL A 177 13.56 35.19 -1.09
C VAL A 177 14.83 35.91 -1.54
N GLY A 178 15.99 35.24 -1.46
CA GLY A 178 17.22 35.89 -1.86
C GLY A 178 17.24 36.24 -3.34
N MET A 179 16.79 35.30 -4.18
CA MET A 179 16.83 35.55 -5.62
C MET A 179 15.75 36.53 -6.05
N THR A 180 14.59 36.53 -5.39
CA THR A 180 13.61 37.58 -5.65
C THR A 180 14.09 38.94 -5.18
N ASN A 181 14.72 38.99 -4.02
CA ASN A 181 15.36 40.23 -3.60
C ASN A 181 16.30 40.73 -4.68
N LEU A 182 17.10 39.82 -5.26
CA LEU A 182 18.03 40.23 -6.32
C LEU A 182 17.30 40.71 -7.57
N ALA A 183 16.27 39.99 -8.01
CA ALA A 183 15.50 40.43 -9.19
C ALA A 183 14.87 41.80 -8.96
N VAL A 184 14.37 42.05 -7.75
CA VAL A 184 13.76 43.33 -7.41
C VAL A 184 14.81 44.45 -7.37
N LEU A 185 15.99 44.14 -6.82
CA LEU A 185 17.11 45.08 -6.86
C LEU A 185 17.49 45.43 -8.28
N ALA A 186 17.53 44.43 -9.16
CA ALA A 186 17.80 44.69 -10.57
C ALA A 186 16.74 45.61 -11.17
N GLU A 187 15.47 45.36 -10.85
CA GLU A 187 14.41 46.25 -11.32
C GLU A 187 14.64 47.68 -10.85
N GLY A 188 15.02 47.84 -9.58
CA GLY A 188 15.28 49.19 -9.06
C GLY A 188 16.44 49.88 -9.77
N ILE A 189 17.54 49.16 -9.99
CA ILE A 189 18.73 49.72 -10.62
C ILE A 189 18.41 50.13 -12.05
N ARG A 190 17.65 49.30 -12.75
CA ARG A 190 17.28 49.57 -14.13
C ARG A 190 16.33 50.77 -14.23
N ILE A 191 15.41 50.89 -13.26
CA ILE A 191 14.58 52.10 -13.20
C ILE A 191 15.45 53.33 -13.00
N GLY A 192 16.37 53.27 -12.06
CA GLY A 192 17.26 54.39 -11.83
C GLY A 192 18.02 54.78 -13.07
N GLU A 193 18.37 53.81 -13.90
CA GLU A 193 19.04 54.15 -15.15
C GLU A 193 18.12 54.89 -16.13
N LYS A 194 16.84 54.52 -16.18
CA LYS A 194 15.92 55.30 -17.00
C LYS A 194 15.71 56.74 -16.49
N ALA A 195 16.02 57.01 -15.23
CA ALA A 195 15.98 58.35 -14.70
C ALA A 195 17.33 59.06 -14.82
N GLY A 196 18.32 58.42 -15.43
CA GLY A 196 19.64 59.02 -15.58
C GLY A 196 20.50 59.01 -14.34
N ILE A 197 20.28 58.07 -13.44
CA ILE A 197 21.09 57.91 -12.24
C ILE A 197 22.06 56.77 -12.50
N LYS A 198 23.35 57.05 -12.34
CA LYS A 198 24.34 56.00 -12.46
C LYS A 198 24.13 54.95 -11.37
N ARG A 199 24.28 53.67 -11.74
CA ARG A 199 24.11 52.57 -10.81
C ARG A 199 24.87 52.78 -9.49
N SER A 200 26.13 53.22 -9.58
CA SER A 200 26.98 53.48 -8.41
C SER A 200 26.28 54.36 -7.36
N GLN A 201 25.92 55.58 -7.79
CA GLN A 201 25.20 56.55 -6.96
C GLN A 201 23.87 56.02 -6.48
N LEU A 202 23.11 55.34 -7.34
CA LEU A 202 21.85 54.82 -6.86
C LEU A 202 22.09 53.86 -5.69
N LEU A 203 23.06 52.95 -5.82
CA LEU A 203 23.38 52.02 -4.73
C LEU A 203 23.84 52.78 -3.50
N THR A 204 24.73 53.75 -3.67
CA THR A 204 25.24 54.45 -2.50
C THR A 204 24.08 55.09 -1.73
N LEU A 205 23.11 55.64 -2.46
CA LEU A 205 21.99 56.31 -1.82
C LEU A 205 21.04 55.32 -1.20
N LEU A 206 20.76 54.21 -1.88
CA LEU A 206 19.75 53.27 -1.38
C LEU A 206 20.26 52.52 -0.18
N GLN A 207 21.60 52.49 0.00
CA GLN A 207 22.20 51.77 1.12
C GLN A 207 21.65 52.26 2.47
N ASP A 208 21.42 53.55 2.61
CA ASP A 208 20.89 54.09 3.87
C ASP A 208 19.37 54.26 3.83
N THR A 209 18.65 53.34 3.19
CA THR A 209 17.19 53.39 3.18
C THR A 209 16.64 52.02 3.56
N GLY A 210 15.31 51.93 3.58
CA GLY A 210 14.58 50.70 3.84
C GLY A 210 14.59 49.71 2.71
N ALA A 211 15.28 50.03 1.63
CA ALA A 211 15.42 49.15 0.50
C ALA A 211 16.64 48.24 0.64
N ARG A 212 17.43 48.44 1.68
CA ARG A 212 18.68 47.72 1.84
C ARG A 212 18.40 46.23 1.95
N SER A 213 19.28 45.41 1.38
CA SER A 213 19.19 43.98 1.52
C SER A 213 20.59 43.39 1.39
N PHE A 214 20.73 42.15 1.86
CA PHE A 214 21.99 41.43 1.69
C PHE A 214 22.40 41.39 0.22
N GLN A 215 21.47 41.13 -0.68
CA GLN A 215 21.83 41.11 -2.09
C GLN A 215 22.29 42.48 -2.54
N MET A 216 21.63 43.55 -2.06
CA MET A 216 22.08 44.89 -2.39
C MET A 216 23.53 45.11 -1.99
N ASP A 217 23.85 44.88 -0.72
CA ASP A 217 25.21 45.09 -0.28
C ASP A 217 26.22 44.20 -1.04
N VAL A 218 25.88 42.93 -1.27
CA VAL A 218 26.85 41.97 -1.82
C VAL A 218 26.97 42.08 -3.34
N ARG A 219 25.86 41.96 -4.07
CA ARG A 219 25.89 41.94 -5.53
C ARG A 219 25.63 43.30 -6.17
N GLY A 220 25.30 44.33 -5.40
CA GLY A 220 25.07 45.62 -6.00
C GLY A 220 26.34 46.13 -6.60
N PRO A 221 27.41 46.18 -5.82
CA PRO A 221 28.71 46.54 -6.39
C PRO A 221 29.07 45.78 -7.67
N TRP A 222 28.85 44.46 -7.71
CA TRP A 222 29.21 43.70 -8.92
C TRP A 222 28.41 44.19 -10.13
N ILE A 223 27.09 44.35 -9.97
CA ILE A 223 26.28 44.91 -11.05
C ILE A 223 26.80 46.29 -11.44
N ALA A 224 27.19 47.10 -10.44
CA ALA A 224 27.65 48.45 -10.69
C ALA A 224 28.97 48.49 -11.45
N ASN A 225 29.76 47.41 -11.41
CA ASN A 225 31.01 47.26 -12.16
C ASN A 225 30.89 46.35 -13.38
N ASP A 226 29.67 46.08 -13.87
CA ASP A 226 29.41 45.12 -14.94
C ASP A 226 30.19 43.83 -14.73
N ASP A 227 30.25 43.36 -13.49
CA ASP A 227 30.95 42.14 -13.13
C ASP A 227 29.94 41.02 -12.92
N PHE A 228 29.95 40.04 -13.81
CA PHE A 228 29.00 38.93 -13.73
C PHE A 228 29.70 37.58 -13.56
N ALA A 229 30.95 37.58 -13.09
CA ALA A 229 31.66 36.33 -12.88
C ALA A 229 30.86 35.43 -11.95
N ASN A 230 30.83 34.14 -12.27
CA ASN A 230 30.12 33.15 -11.47
C ASN A 230 30.55 33.19 -10.00
N ARG A 231 29.61 33.50 -9.12
CA ARG A 231 29.74 33.19 -7.69
C ARG A 231 28.68 32.17 -7.28
N PHE A 232 27.44 32.43 -7.65
CA PHE A 232 26.34 31.49 -7.57
C PHE A 232 25.75 31.40 -8.98
N GLY A 233 25.89 30.23 -9.60
CA GLY A 233 25.52 30.12 -11.01
C GLY A 233 24.06 30.44 -11.24
N LEU A 234 23.80 31.21 -12.30
CA LEU A 234 22.43 31.62 -12.63
C LEU A 234 21.53 30.42 -12.85
N ASP A 235 22.04 29.38 -13.51
CA ASP A 235 21.20 28.20 -13.74
C ASP A 235 20.96 27.42 -12.45
N LEU A 236 21.90 27.48 -11.50
CA LEU A 236 21.64 26.93 -10.18
C LEU A 236 20.54 27.71 -9.47
N ALA A 237 20.65 29.03 -9.51
CA ALA A 237 19.59 29.86 -8.96
C ALA A 237 18.23 29.50 -9.56
N LEU A 238 18.17 29.42 -10.89
CA LEU A 238 16.91 29.17 -11.57
C LEU A 238 16.36 27.81 -11.17
N LYS A 239 17.24 26.80 -11.09
CA LYS A 239 16.79 25.49 -10.67
C LYS A 239 16.10 25.57 -9.33
N ASP A 240 16.78 26.17 -8.34
CA ASP A 240 16.23 26.17 -6.98
C ASP A 240 14.94 26.99 -6.92
N VAL A 241 14.91 28.13 -7.61
CA VAL A 241 13.72 28.99 -7.59
C VAL A 241 12.54 28.27 -8.22
N ARG A 242 12.76 27.64 -9.38
CA ARG A 242 11.71 26.86 -10.04
C ARG A 242 11.20 25.76 -9.12
N LEU A 243 12.12 25.07 -8.44
CA LEU A 243 11.71 23.99 -7.54
C LEU A 243 10.85 24.51 -6.40
N GLY A 244 11.28 25.61 -5.78
CA GLY A 244 10.48 26.16 -4.70
C GLY A 244 9.12 26.64 -5.16
N CYS A 245 9.07 27.24 -6.36
CA CYS A 245 7.80 27.70 -6.91
C CYS A 245 6.87 26.53 -7.19
N GLU A 246 7.42 25.40 -7.66
CA GLU A 246 6.62 24.18 -7.82
C GLU A 246 6.16 23.64 -6.46
N MET A 247 7.02 23.75 -5.43
CA MET A 247 6.70 23.28 -4.09
C MET A 247 5.50 24.02 -3.51
N ALA A 248 5.56 25.36 -3.50
CA ALA A 248 4.34 26.14 -3.36
C ALA A 248 3.60 25.89 -4.65
N GLU A 249 2.33 26.22 -4.74
CA GLU A 249 1.63 25.82 -5.98
C GLU A 249 1.20 24.37 -5.85
N ALA A 250 2.11 23.45 -5.48
CA ALA A 250 1.64 22.15 -5.00
C ALA A 250 0.85 22.31 -3.70
N TRP A 251 1.14 23.36 -2.94
CA TRP A 251 0.40 23.70 -1.76
C TRP A 251 -0.73 24.68 -2.06
N GLY A 252 -1.05 24.88 -3.33
CA GLY A 252 -2.12 25.79 -3.68
C GLY A 252 -1.77 27.25 -3.62
N MET A 253 -0.50 27.62 -3.66
CA MET A 253 -0.15 29.02 -3.43
C MET A 253 -0.04 29.82 -4.73
N LYS A 254 0.09 31.14 -4.58
CA LYS A 254 0.18 32.08 -5.70
C LYS A 254 1.48 32.87 -5.80
N ILE A 255 2.03 33.30 -4.67
CA ILE A 255 3.33 33.99 -4.56
C ILE A 255 3.71 34.82 -5.80
N PRO A 256 2.92 35.83 -6.18
CA PRO A 256 3.13 36.50 -7.48
C PRO A 256 4.51 37.09 -7.70
N ALA A 257 5.08 37.76 -6.69
CA ALA A 257 6.36 38.41 -6.88
C ALA A 257 7.44 37.37 -7.18
N MET A 258 7.44 36.27 -6.42
CA MET A 258 8.40 35.19 -6.65
C MET A 258 8.18 34.54 -8.01
N MET A 259 6.94 34.40 -8.44
CA MET A 259 6.73 33.90 -9.79
C MET A 259 7.34 34.81 -10.84
N ALA A 260 7.25 36.12 -10.63
CA ALA A 260 7.86 37.06 -11.57
C ALA A 260 9.38 36.90 -11.59
N ALA A 261 9.98 36.74 -10.40
CA ALA A 261 11.42 36.44 -10.32
C ALA A 261 11.75 35.17 -11.09
N LEU A 262 10.96 34.11 -10.89
CA LEU A 262 11.15 32.89 -11.65
C LEU A 262 11.16 33.18 -13.14
N GLY A 263 10.20 34.00 -13.58
CA GLY A 263 10.13 34.36 -14.99
C GLY A 263 11.39 35.02 -15.51
N ILE A 264 11.92 36.00 -14.74
CA ILE A 264 13.13 36.68 -15.19
C ILE A 264 14.33 35.74 -15.21
N PHE A 265 14.39 34.78 -14.27
CA PHE A 265 15.51 33.84 -14.31
C PHE A 265 15.41 32.92 -15.52
N LYS A 266 14.20 32.46 -15.83
CA LYS A 266 13.96 31.67 -17.03
C LYS A 266 14.38 32.44 -18.28
N LYS A 267 13.99 33.71 -18.36
CA LYS A 267 14.36 34.55 -19.51
C LYS A 267 15.86 34.67 -19.64
N ALA A 268 16.56 34.88 -18.53
CA ALA A 268 18.02 34.96 -18.58
C ALA A 268 18.62 33.63 -19.06
N SER A 269 18.25 32.51 -18.43
CA SER A 269 18.77 31.22 -18.88
C SER A 269 18.53 31.00 -20.37
N ALA A 270 17.37 31.45 -20.88
CA ALA A 270 17.07 31.31 -22.31
C ALA A 270 17.96 32.20 -23.17
N THR A 271 18.29 33.40 -22.69
CA THR A 271 19.31 34.24 -23.33
C THR A 271 20.69 33.58 -23.36
N GLY A 272 20.87 32.48 -22.63
CA GLY A 272 22.13 31.76 -22.67
C GLY A 272 23.19 32.35 -21.76
N LEU A 273 22.82 32.77 -20.56
CA LEU A 273 23.81 33.27 -19.63
C LEU A 273 23.64 32.58 -18.28
N GLY A 274 23.41 31.25 -18.36
CA GLY A 274 23.23 30.39 -17.21
C GLY A 274 24.51 30.06 -16.47
N SER A 275 25.67 30.25 -17.10
CA SER A 275 26.95 30.01 -16.44
C SER A 275 27.47 31.22 -15.66
N GLU A 276 26.87 32.41 -15.87
CA GLU A 276 27.26 33.60 -15.14
C GLU A 276 26.58 33.59 -13.77
N ASP A 277 26.90 34.58 -12.94
CA ASP A 277 26.31 34.68 -11.61
C ASP A 277 24.80 35.04 -11.69
N CYS A 278 24.13 34.91 -10.55
CA CYS A 278 22.76 35.39 -10.32
C CYS A 278 22.47 36.75 -10.94
N ASN A 279 23.32 37.71 -10.60
CA ASN A 279 23.10 39.10 -10.97
C ASN A 279 23.03 39.30 -12.48
N ALA A 280 23.40 38.30 -13.27
CA ALA A 280 23.25 38.44 -14.70
C ALA A 280 21.79 38.62 -15.12
N ILE A 281 20.82 38.32 -14.24
CA ILE A 281 19.42 38.61 -14.61
C ILE A 281 19.23 40.11 -14.84
N TYR A 282 20.08 40.94 -14.21
CA TYR A 282 20.07 42.37 -14.49
C TYR A 282 20.16 42.65 -15.98
N LYS A 283 20.92 41.82 -16.69
CA LYS A 283 21.16 42.06 -18.12
C LYS A 283 19.91 41.88 -18.96
N VAL A 284 18.84 41.36 -18.38
CA VAL A 284 17.66 41.06 -19.18
C VAL A 284 16.43 41.67 -18.51
N THR A 285 16.68 42.54 -17.52
CA THR A 285 15.62 43.21 -16.75
C THR A 285 15.16 44.48 -17.46
N GLU A 286 13.85 44.61 -17.64
CA GLU A 286 13.40 45.81 -18.34
C GLU A 286 11.99 46.29 -17.96
N MET B 1 -8.05 19.94 32.46
CA MET B 1 -8.25 19.85 31.00
C MET B 1 -9.61 20.34 30.54
N GLN B 2 -9.61 21.30 29.64
CA GLN B 2 -10.84 21.82 29.07
C GLN B 2 -10.91 21.24 27.66
N ILE B 3 -11.92 20.40 27.44
CA ILE B 3 -12.10 19.68 26.20
C ILE B 3 -13.26 20.29 25.44
N GLY B 4 -13.05 20.51 24.15
CA GLY B 4 -14.13 20.83 23.24
C GLY B 4 -14.22 19.71 22.23
N PHE B 5 -15.40 19.54 21.66
CA PHE B 5 -15.58 18.35 20.83
C PHE B 5 -16.68 18.57 19.79
N ILE B 6 -16.23 18.64 18.55
CA ILE B 6 -17.02 19.08 17.40
C ILE B 6 -17.46 17.84 16.64
N GLY B 7 -18.76 17.61 16.59
CA GLY B 7 -19.28 16.49 15.85
C GLY B 7 -19.45 15.28 16.74
N VAL B 8 -20.65 15.14 17.33
CA VAL B 8 -20.94 14.00 18.19
C VAL B 8 -21.87 13.08 17.43
N GLY B 9 -21.44 12.71 16.22
CA GLY B 9 -22.19 11.80 15.40
C GLY B 9 -21.97 10.36 15.79
N LEU B 10 -21.99 9.50 14.78
CA LEU B 10 -22.13 8.06 14.98
C LEU B 10 -20.92 7.46 15.69
N MET B 11 -19.71 7.89 15.34
CA MET B 11 -18.51 7.48 16.06
C MET B 11 -18.00 8.54 17.03
N GLY B 12 -18.17 9.83 16.75
CA GLY B 12 -17.65 10.82 17.67
C GLY B 12 -18.44 10.86 18.96
N GLY B 13 -19.76 10.70 18.84
CA GLY B 13 -20.66 10.71 19.96
C GLY B 13 -20.26 9.76 21.07
N PRO B 14 -19.92 8.52 20.73
CA PRO B 14 -19.47 7.61 21.79
C PRO B 14 -18.22 8.08 22.50
N LEU B 15 -17.24 8.66 21.79
CA LEU B 15 -16.04 9.13 22.47
C LEU B 15 -16.36 10.29 23.42
N ALA B 16 -17.28 11.17 23.00
CA ALA B 16 -17.71 12.28 23.86
C ALA B 16 -18.42 11.75 25.11
N ARG B 17 -19.38 10.85 24.89
CA ARG B 17 -20.10 10.23 25.99
C ARG B 17 -19.09 9.60 26.97
N ASN B 18 -18.08 8.88 26.48
CA ASN B 18 -17.14 8.26 27.44
C ASN B 18 -16.26 9.29 28.16
N LEU B 19 -15.90 10.38 27.47
CA LEU B 19 -15.18 11.46 28.13
C LEU B 19 -16.01 12.05 29.25
N ILE B 20 -17.31 12.23 29.01
CA ILE B 20 -18.23 12.78 30.00
C ILE B 20 -18.44 11.79 31.15
N ARG B 21 -18.65 10.52 30.84
CA ARG B 21 -18.82 9.52 31.90
C ARG B 21 -17.61 9.50 32.83
N ALA B 22 -16.41 9.78 32.32
CA ALA B 22 -15.23 9.86 33.16
C ALA B 22 -15.15 11.17 33.92
N GLY B 23 -16.14 12.05 33.77
CA GLY B 23 -16.23 13.27 34.53
C GLY B 23 -15.49 14.46 33.97
N LYS B 24 -15.05 14.38 32.71
CA LYS B 24 -14.16 15.37 32.12
C LYS B 24 -14.97 16.60 31.69
N ASP B 25 -14.29 17.75 31.57
CA ASP B 25 -14.98 19.01 31.29
C ASP B 25 -15.14 19.17 29.79
N VAL B 26 -16.18 18.53 29.25
CA VAL B 26 -16.39 18.47 27.80
C VAL B 26 -17.48 19.44 27.38
N THR B 27 -17.22 20.26 26.37
CA THR B 27 -18.27 21.08 25.77
C THR B 27 -18.40 20.69 24.30
N VAL B 28 -19.58 20.16 23.92
CA VAL B 28 -19.79 19.64 22.56
C VAL B 28 -20.32 20.76 21.68
N TYR B 29 -19.94 20.75 20.40
CA TYR B 29 -20.46 21.69 19.43
C TYR B 29 -20.90 20.88 18.22
N ASP B 30 -22.20 20.88 17.94
CA ASP B 30 -22.74 20.12 16.82
C ASP B 30 -23.97 20.82 16.29
N LEU B 31 -24.12 20.89 14.96
CA LEU B 31 -25.29 21.53 14.36
C LEU B 31 -26.58 20.71 14.52
N SER B 32 -26.49 19.43 14.82
CA SER B 32 -27.67 18.64 15.09
C SER B 32 -27.99 18.81 16.57
N PRO B 33 -29.11 19.44 16.92
CA PRO B 33 -29.37 19.67 18.35
C PRO B 33 -29.63 18.38 19.10
N GLU B 34 -30.10 17.34 18.44
CA GLU B 34 -30.48 16.15 19.19
C GLU B 34 -29.32 15.19 19.35
N ALA B 35 -28.33 15.27 18.45
CA ALA B 35 -27.02 14.68 18.74
C ALA B 35 -26.42 15.27 20.02
N VAL B 36 -26.47 16.60 20.14
CA VAL B 36 -25.99 17.28 21.35
C VAL B 36 -26.73 16.77 22.58
N LYS B 37 -28.06 16.69 22.47
CA LYS B 37 -28.84 16.20 23.60
C LYS B 37 -28.42 14.79 23.99
N LYS B 38 -28.25 13.91 22.99
CA LYS B 38 -27.88 12.53 23.25
C LYS B 38 -26.56 12.43 24.00
N THR B 39 -25.57 13.23 23.59
CA THR B 39 -24.27 13.10 24.24
C THR B 39 -24.25 13.73 25.62
N LEU B 40 -24.95 14.87 25.80
CA LEU B 40 -24.95 15.49 27.11
C LEU B 40 -25.72 14.64 28.13
N ALA B 41 -26.63 13.80 27.65
CA ALA B 41 -27.40 12.98 28.57
C ALA B 41 -26.59 11.85 29.19
N ALA B 42 -25.28 11.73 29.05
CA ALA B 42 -24.53 10.67 29.69
C ALA B 42 -23.92 11.09 31.02
N GLY B 43 -24.10 12.34 31.44
CA GLY B 43 -23.55 12.83 32.69
C GLY B 43 -23.82 14.33 32.84
N ASN B 44 -23.57 14.83 34.03
CA ASN B 44 -23.79 16.25 34.28
C ASN B 44 -22.51 17.05 34.14
N THR B 45 -21.43 16.42 33.72
CA THR B 45 -20.12 17.04 33.65
C THR B 45 -19.84 17.64 32.27
N GLY B 46 -20.75 17.48 31.33
CA GLY B 46 -20.59 18.01 29.98
C GLY B 46 -21.65 19.05 29.67
N LYS B 47 -21.27 20.06 28.88
CA LYS B 47 -22.13 21.18 28.52
C LYS B 47 -22.05 21.45 27.02
N ALA B 48 -23.07 22.14 26.50
CA ALA B 48 -23.17 22.42 25.07
C ALA B 48 -22.64 23.81 24.76
N ALA B 49 -22.32 24.02 23.48
CA ALA B 49 -21.64 25.22 23.04
C ALA B 49 -22.55 25.98 22.08
N ALA B 50 -22.80 27.26 22.40
CA ALA B 50 -23.65 28.10 21.55
C ALA B 50 -23.01 28.35 20.20
N SER B 51 -21.69 28.56 20.16
CA SER B 51 -21.00 28.86 18.92
C SER B 51 -19.58 28.30 18.97
N LEU B 52 -18.87 28.46 17.85
CA LEU B 52 -17.49 27.97 17.76
C LEU B 52 -16.55 28.74 18.68
N ALA B 53 -16.80 30.04 18.87
CA ALA B 53 -15.95 30.83 19.74
C ALA B 53 -16.02 30.40 21.20
N ASP B 54 -17.01 29.58 21.56
CA ASP B 54 -17.05 28.99 22.89
C ASP B 54 -15.92 27.97 23.13
N LEU B 55 -15.30 27.46 22.07
CA LEU B 55 -14.25 26.46 22.23
C LEU B 55 -12.86 27.09 22.25
N ALA B 56 -12.77 28.41 22.20
CA ALA B 56 -11.49 29.06 21.99
C ALA B 56 -10.52 28.79 23.13
N ASP B 57 -11.00 28.76 24.37
CA ASP B 57 -10.17 28.50 25.55
C ASP B 57 -9.80 27.05 25.77
N LYS B 58 -10.27 26.12 24.95
CA LYS B 58 -10.10 24.72 25.30
C LYS B 58 -8.66 24.27 25.11
N ASP B 59 -8.25 23.33 25.96
CA ASP B 59 -6.89 22.76 25.88
C ASP B 59 -6.80 21.63 24.86
N ILE B 60 -7.85 20.81 24.76
CA ILE B 60 -7.89 19.77 23.74
C ILE B 60 -9.20 19.92 22.99
N VAL B 61 -9.14 19.89 21.66
CA VAL B 61 -10.35 19.91 20.84
C VAL B 61 -10.35 18.70 19.92
N PHE B 62 -11.41 17.92 20.02
CA PHE B 62 -11.64 16.78 19.15
C PHE B 62 -12.48 17.19 17.96
N THR B 63 -12.18 16.60 16.83
CA THR B 63 -12.96 16.79 15.61
C THR B 63 -13.41 15.45 15.06
N SER B 64 -14.71 15.31 14.81
CA SER B 64 -15.26 14.08 14.26
C SER B 64 -16.35 14.44 13.26
N LEU B 65 -16.02 14.45 11.97
CA LEU B 65 -16.89 15.00 10.95
C LEU B 65 -16.89 14.10 9.72
N PRO B 66 -17.91 14.23 8.84
CA PRO B 66 -18.13 13.25 7.77
C PRO B 66 -17.21 13.36 6.56
N LEU B 67 -16.79 14.57 6.20
CA LEU B 67 -16.02 14.79 4.99
C LEU B 67 -14.73 15.55 5.32
N PRO B 68 -13.66 15.35 4.55
CA PRO B 68 -12.47 16.18 4.78
C PRO B 68 -12.77 17.64 4.55
N THR B 69 -13.66 17.92 3.60
CA THR B 69 -14.09 19.28 3.33
C THR B 69 -14.62 19.92 4.60
N HIS B 70 -15.41 19.16 5.38
CA HIS B 70 -15.98 19.71 6.62
C HIS B 70 -14.91 20.03 7.64
N VAL B 71 -13.95 19.13 7.84
CA VAL B 71 -12.91 19.36 8.84
C VAL B 71 -12.11 20.61 8.50
N LEU B 72 -11.69 20.71 7.23
CA LEU B 72 -10.94 21.89 6.79
C LEU B 72 -11.78 23.15 6.93
N GLY B 73 -13.08 23.07 6.64
CA GLY B 73 -13.94 24.24 6.78
C GLY B 73 -14.12 24.69 8.22
N VAL B 74 -14.25 23.74 9.14
CA VAL B 74 -14.48 24.08 10.54
C VAL B 74 -13.19 24.53 11.22
N VAL B 75 -12.05 23.97 10.84
CA VAL B 75 -10.80 24.24 11.54
C VAL B 75 -9.99 25.38 10.89
N LEU B 76 -10.10 25.57 9.58
CA LEU B 76 -9.13 26.39 8.85
C LEU B 76 -9.74 27.55 8.08
N GLY B 77 -11.00 27.92 8.34
CA GLY B 77 -11.51 29.19 7.85
C GLY B 77 -10.75 30.35 8.50
N ASN B 78 -11.11 31.59 8.13
CA ASN B 78 -10.68 32.72 8.96
C ASN B 78 -11.28 32.60 10.35
N ASP B 79 -12.55 32.94 10.52
CA ASP B 79 -13.24 32.79 11.81
C ASP B 79 -13.39 31.30 12.19
N GLY B 80 -12.43 30.45 11.81
CA GLY B 80 -12.50 29.02 12.09
C GLY B 80 -11.82 28.69 13.41
N LEU B 81 -11.80 27.41 13.73
CA LEU B 81 -11.39 27.01 15.07
C LEU B 81 -9.91 27.31 15.34
N LEU B 82 -9.03 27.02 14.38
CA LEU B 82 -7.60 27.08 14.70
C LEU B 82 -7.13 28.50 15.02
N GLU B 83 -7.49 29.50 14.17
CA GLU B 83 -7.54 30.95 14.52
C GLU B 83 -7.88 31.25 15.97
N LYS B 84 -8.70 30.43 16.66
CA LYS B 84 -9.11 30.79 18.02
C LYS B 84 -8.38 30.03 19.11
N LEU B 85 -7.30 29.33 18.81
CA LEU B 85 -6.75 28.46 19.81
C LEU B 85 -5.55 29.07 20.50
N LYS B 86 -5.52 28.94 21.81
CA LYS B 86 -4.32 29.34 22.52
C LYS B 86 -3.13 28.45 22.17
N PRO B 87 -1.97 29.06 21.98
CA PRO B 87 -0.77 28.27 21.71
C PRO B 87 -0.52 27.25 22.80
N GLY B 88 -0.17 26.03 22.37
CA GLY B 88 -0.04 24.89 23.25
C GLY B 88 -1.24 23.97 23.25
N ALA B 89 -2.39 24.43 22.78
CA ALA B 89 -3.56 23.55 22.71
C ALA B 89 -3.37 22.51 21.62
N THR B 90 -4.12 21.41 21.74
CA THR B 90 -3.98 20.26 20.85
C THR B 90 -5.29 19.96 20.12
N HIS B 91 -5.18 19.81 18.80
CA HIS B 91 -6.28 19.34 17.97
C HIS B 91 -6.09 17.84 17.72
N ILE B 92 -7.05 17.05 18.20
CA ILE B 92 -7.10 15.62 17.92
C ILE B 92 -8.20 15.42 16.89
N GLU B 93 -7.84 14.85 15.75
CA GLU B 93 -8.75 14.67 14.63
C GLU B 93 -9.16 13.20 14.52
N LEU B 94 -10.44 12.92 14.77
CA LEU B 94 -10.94 11.54 14.76
C LEU B 94 -11.55 11.11 13.43
N SER B 95 -11.62 12.00 12.44
CA SER B 95 -12.35 11.74 11.21
C SER B 95 -11.55 10.84 10.28
N THR B 96 -12.27 10.00 9.55
CA THR B 96 -11.68 9.17 8.51
C THR B 96 -11.44 10.04 7.28
N ILE B 97 -10.30 10.74 7.29
CA ILE B 97 -9.90 11.60 6.18
C ILE B 97 -8.69 11.01 5.44
N ASP B 98 -8.35 11.64 4.29
CA ASP B 98 -7.19 11.30 3.46
C ASP B 98 -5.91 11.95 4.01
N PRO B 99 -4.73 11.40 3.69
CA PRO B 99 -3.51 11.94 4.29
C PRO B 99 -3.18 13.36 3.85
N GLN B 100 -3.51 13.73 2.61
CA GLN B 100 -3.28 15.09 2.17
C GLN B 100 -3.92 16.09 3.13
N THR B 101 -5.17 15.82 3.51
CA THR B 101 -5.94 16.69 4.39
C THR B 101 -5.35 16.76 5.80
N SER B 102 -4.96 15.62 6.38
CA SER B 102 -4.45 15.71 7.75
C SER B 102 -3.03 16.25 7.77
N VAL B 103 -2.28 16.10 6.70
CA VAL B 103 -0.99 16.77 6.69
C VAL B 103 -1.16 18.27 6.63
N LYS B 104 -2.14 18.74 5.83
CA LYS B 104 -2.46 20.17 5.81
C LYS B 104 -2.84 20.68 7.21
N LEU B 105 -3.72 19.95 7.88
CA LEU B 105 -4.14 20.30 9.23
C LEU B 105 -2.95 20.35 10.18
N GLU B 106 -2.08 19.33 10.13
CA GLU B 106 -0.93 19.27 11.02
C GLU B 106 0.02 20.44 10.80
N ALA B 107 0.24 20.81 9.53
CA ALA B 107 1.16 21.92 9.24
C ALA B 107 0.60 23.24 9.73
N ALA B 108 -0.71 23.47 9.52
CA ALA B 108 -1.38 24.63 10.11
C ALA B 108 -1.18 24.69 11.63
N ALA B 109 -1.53 23.60 12.32
CA ALA B 109 -1.42 23.58 13.78
C ALA B 109 0.01 23.82 14.24
N ARG B 110 0.98 23.12 13.64
CA ARG B 110 2.35 23.32 14.11
C ARG B 110 2.83 24.74 13.83
N ALA B 111 2.37 25.34 12.72
CA ALA B 111 2.80 26.70 12.37
C ALA B 111 2.22 27.75 13.30
N LYS B 112 1.05 27.48 13.89
CA LYS B 112 0.50 28.41 14.88
C LYS B 112 1.14 28.21 16.26
N GLY B 113 1.82 27.08 16.48
CA GLY B 113 2.30 26.72 17.80
C GLY B 113 1.37 25.78 18.55
N CYS B 114 0.51 25.05 17.84
CA CYS B 114 -0.39 24.07 18.41
C CYS B 114 0.10 22.67 18.08
N HIS B 115 -0.45 21.69 18.80
CA HIS B 115 -0.14 20.30 18.55
C HIS B 115 -1.29 19.68 17.77
N PHE B 116 -0.98 18.64 17.00
CA PHE B 116 -2.00 17.96 16.20
C PHE B 116 -1.73 16.46 16.16
N LEU B 117 -2.75 15.68 16.47
CA LEU B 117 -2.69 14.24 16.31
C LEU B 117 -3.85 13.81 15.42
N GLN B 118 -3.57 12.89 14.51
CA GLN B 118 -4.62 12.18 13.80
C GLN B 118 -4.91 10.90 14.56
N CYS B 119 -6.18 10.59 14.73
CA CYS B 119 -6.54 9.46 15.58
C CYS B 119 -7.78 8.86 14.96
N THR B 120 -7.57 8.01 13.96
CA THR B 120 -8.71 7.36 13.33
C THR B 120 -9.15 6.17 14.18
N LEU B 121 -10.42 5.82 14.02
CA LEU B 121 -11.09 4.83 14.86
C LEU B 121 -11.50 3.62 14.05
N GLY B 122 -11.16 2.44 14.53
CA GLY B 122 -11.59 1.21 13.92
C GLY B 122 -12.89 0.69 14.52
N LYS B 123 -13.31 -0.46 14.00
CA LYS B 123 -14.49 -1.23 14.45
C LYS B 123 -15.76 -0.36 14.35
N THR B 124 -16.78 -0.68 15.13
CA THR B 124 -18.13 -0.16 14.97
C THR B 124 -18.47 0.85 16.04
N PRO B 125 -19.55 1.64 15.85
CA PRO B 125 -20.02 2.51 16.95
C PRO B 125 -20.37 1.77 18.23
N ALA B 126 -20.85 0.52 18.13
CA ALA B 126 -21.06 -0.29 19.34
C ALA B 126 -19.80 -0.42 20.16
N HIS B 127 -18.67 -0.74 19.50
CA HIS B 127 -17.40 -0.78 20.22
C HIS B 127 -17.07 0.57 20.81
N ALA B 128 -17.18 1.62 20.01
CA ALA B 128 -16.80 2.97 20.47
C ALA B 128 -17.58 3.37 21.72
N GLU B 129 -18.82 2.88 21.85
CA GLU B 129 -19.61 3.16 23.05
C GLU B 129 -18.90 2.63 24.30
N LYS B 130 -18.29 1.47 24.18
CA LYS B 130 -17.62 0.77 25.26
C LYS B 130 -16.12 1.07 25.31
N ALA B 131 -15.66 2.00 24.48
CA ALA B 131 -14.22 2.29 24.34
C ALA B 131 -13.42 1.02 24.06
N GLU B 132 -14.01 0.14 23.24
CA GLU B 132 -13.40 -1.14 22.89
C GLU B 132 -13.00 -1.20 21.42
N GLU B 133 -12.95 -0.05 20.76
CA GLU B 133 -12.47 0.34 19.44
C GLU B 133 -10.95 0.53 19.43
N PRO B 134 -10.31 0.32 18.30
CA PRO B 134 -8.90 0.68 18.18
C PRO B 134 -8.74 2.17 17.90
N LEU B 135 -7.66 2.73 18.44
CA LEU B 135 -7.25 4.09 18.08
C LEU B 135 -5.94 3.99 17.28
N PHE B 136 -5.95 4.52 16.06
CA PHE B 136 -4.73 4.62 15.25
C PHE B 136 -4.28 6.08 15.29
N ILE B 137 -3.32 6.37 16.17
CA ILE B 137 -2.80 7.72 16.42
C ILE B 137 -1.50 7.95 15.65
N GLY B 138 -1.46 9.02 14.87
CA GLY B 138 -0.24 9.47 14.25
C GLY B 138 -0.03 10.95 14.56
N GLY B 139 1.24 11.37 14.48
CA GLY B 139 1.61 12.73 14.79
C GLY B 139 2.74 12.75 15.79
N ASP B 140 3.05 13.97 16.29
CA ASP B 140 4.17 14.13 17.20
C ASP B 140 4.08 13.16 18.38
N LYS B 141 5.03 12.21 18.45
CA LYS B 141 5.03 11.17 19.49
C LYS B 141 4.99 11.75 20.91
N ALA B 142 5.56 12.95 21.10
CA ALA B 142 5.57 13.58 22.42
C ALA B 142 4.15 13.79 22.93
N ILE B 143 3.22 14.19 22.04
CA ILE B 143 1.85 14.46 22.45
C ILE B 143 1.09 13.17 22.71
N PHE B 144 1.28 12.18 21.85
CA PHE B 144 0.76 10.84 22.12
C PHE B 144 1.23 10.36 23.50
N ASP B 145 2.46 10.70 23.86
CA ASP B 145 2.96 10.26 25.16
C ASP B 145 2.33 11.08 26.29
N GLU B 146 2.21 12.40 26.11
CA GLU B 146 1.60 13.24 27.14
C GLU B 146 0.18 12.80 27.44
N LEU B 147 -0.56 12.34 26.42
CA LEU B 147 -1.98 12.00 26.55
C LEU B 147 -2.20 10.55 26.97
N ALA B 148 -1.20 9.94 27.63
CA ALA B 148 -1.28 8.53 27.99
C ALA B 148 -2.46 8.29 28.89
N ALA B 149 -2.76 9.25 29.76
CA ALA B 149 -3.90 9.13 30.66
C ALA B 149 -5.20 9.27 29.89
N LEU B 150 -5.18 9.94 28.75
CA LEU B 150 -6.41 10.19 28.01
C LEU B 150 -6.86 8.97 27.24
N TRP B 151 -5.95 8.34 26.49
CA TRP B 151 -6.34 7.34 25.49
C TRP B 151 -7.22 6.21 26.03
N PRO B 152 -6.90 5.55 27.14
CA PRO B 152 -7.76 4.43 27.57
C PRO B 152 -9.21 4.85 27.84
N ILE B 153 -9.47 6.13 28.09
CA ILE B 153 -10.83 6.51 28.40
C ILE B 153 -11.70 6.43 27.16
N ILE B 154 -11.15 6.74 25.98
CA ILE B 154 -11.95 6.86 24.78
C ILE B 154 -11.83 5.62 23.89
N GLY B 155 -10.64 5.03 23.75
CA GLY B 155 -10.46 3.87 22.89
C GLY B 155 -9.45 2.90 23.47
N SER B 156 -9.54 1.61 23.07
CA SER B 156 -8.74 0.71 23.90
C SER B 156 -7.32 0.48 23.42
N PRO B 157 -6.98 -0.32 22.38
CA PRO B 157 -5.55 -0.37 22.02
C PRO B 157 -5.21 0.93 21.31
N ALA B 158 -4.29 1.68 21.92
CA ALA B 158 -3.79 2.92 21.35
C ALA B 158 -2.57 2.53 20.54
N TYR B 159 -2.77 2.37 19.23
CA TYR B 159 -1.67 2.05 18.33
C TYR B 159 -0.97 3.35 17.95
N TYR B 160 0.34 3.39 18.07
CA TYR B 160 1.08 4.58 17.67
C TYR B 160 1.63 4.35 16.27
N MET B 161 1.09 5.08 15.30
CA MET B 161 1.38 4.93 13.88
C MET B 161 2.57 5.74 13.38
N GLY B 162 3.14 6.61 14.21
CA GLY B 162 4.19 7.48 13.73
C GLY B 162 3.63 8.71 13.05
N THR B 163 3.43 8.64 11.74
CA THR B 163 2.98 9.79 10.98
C THR B 163 1.45 9.87 10.90
N VAL B 164 0.94 11.09 10.68
CA VAL B 164 -0.50 11.25 10.48
C VAL B 164 -0.93 10.57 9.19
N GLU B 165 -0.02 10.49 8.20
CA GLU B 165 -0.36 9.81 6.95
C GLU B 165 -0.58 8.31 7.17
N ALA B 166 0.26 7.71 8.02
CA ALA B 166 0.04 6.32 8.40
C ALA B 166 -1.29 6.14 9.12
N SER B 167 -1.63 7.11 9.97
CA SER B 167 -2.89 7.07 10.71
C SER B 167 -4.10 7.03 9.78
N CYS B 168 -4.16 7.94 8.80
CA CYS B 168 -5.23 7.86 7.80
C CYS B 168 -5.17 6.54 7.02
N ALA B 169 -3.96 6.12 6.62
CA ALA B 169 -3.84 5.05 5.65
C ALA B 169 -4.27 3.72 6.25
N VAL B 170 -3.95 3.46 7.51
CA VAL B 170 -4.34 2.18 8.08
C VAL B 170 -5.87 2.08 8.18
N LYS B 171 -6.56 3.17 8.59
CA LYS B 171 -8.02 3.12 8.59
C LYS B 171 -8.55 2.81 7.20
N LEU B 172 -8.09 3.59 6.23
CA LEU B 172 -8.62 3.47 4.89
C LEU B 172 -8.28 2.12 4.27
N ILE B 173 -7.05 1.65 4.45
CA ILE B 173 -6.67 0.35 3.91
C ILE B 173 -7.55 -0.73 4.50
N SER B 174 -7.80 -0.67 5.82
CA SER B 174 -8.61 -1.71 6.44
C SER B 174 -10.01 -1.74 5.84
N ASN B 175 -10.60 -0.58 5.57
CA ASN B 175 -11.91 -0.65 4.92
C ASN B 175 -11.82 -1.02 3.44
N MET B 176 -10.78 -0.61 2.71
CA MET B 176 -10.67 -1.03 1.32
C MET B 176 -10.53 -2.54 1.22
N VAL B 177 -9.65 -3.13 2.03
CA VAL B 177 -9.45 -4.57 1.97
C VAL B 177 -10.72 -5.31 2.41
N GLY B 178 -11.37 -4.86 3.48
CA GLY B 178 -12.59 -5.54 3.92
C GLY B 178 -13.73 -5.44 2.92
N MET B 179 -13.94 -4.26 2.33
CA MET B 179 -15.05 -4.11 1.40
C MET B 179 -14.76 -4.75 0.06
N THR B 180 -13.49 -4.76 -0.37
CA THR B 180 -13.16 -5.52 -1.56
C THR B 180 -13.35 -7.01 -1.28
N ASN B 181 -12.95 -7.48 -0.10
CA ASN B 181 -13.23 -8.86 0.29
C ASN B 181 -14.70 -9.17 0.16
N LEU B 182 -15.55 -8.25 0.62
CA LEU B 182 -17.00 -8.45 0.56
C LEU B 182 -17.49 -8.49 -0.88
N ALA B 183 -17.01 -7.57 -1.73
CA ALA B 183 -17.39 -7.61 -3.14
C ALA B 183 -16.98 -8.92 -3.78
N VAL B 184 -15.79 -9.42 -3.43
CA VAL B 184 -15.30 -10.67 -3.98
C VAL B 184 -16.16 -11.83 -3.49
N LEU B 185 -16.56 -11.80 -2.23
CA LEU B 185 -17.46 -12.82 -1.72
C LEU B 185 -18.77 -12.81 -2.48
N ALA B 186 -19.29 -11.62 -2.78
CA ALA B 186 -20.52 -11.56 -3.55
C ALA B 186 -20.31 -12.20 -4.92
N GLU B 187 -19.21 -11.87 -5.58
CA GLU B 187 -18.93 -12.49 -6.87
C GLU B 187 -18.90 -14.01 -6.74
N GLY B 188 -18.27 -14.52 -5.69
CA GLY B 188 -18.22 -15.96 -5.50
C GLY B 188 -19.59 -16.59 -5.29
N ILE B 189 -20.41 -15.98 -4.44
CA ILE B 189 -21.74 -16.51 -4.13
C ILE B 189 -22.65 -16.49 -5.37
N ARG B 190 -22.53 -15.41 -6.16
CA ARG B 190 -23.31 -15.28 -7.38
C ARG B 190 -22.83 -16.25 -8.47
N ILE B 191 -21.52 -16.51 -8.56
CA ILE B 191 -21.05 -17.59 -9.44
C ILE B 191 -21.64 -18.93 -9.00
N GLY B 192 -21.57 -19.22 -7.71
CA GLY B 192 -22.15 -20.46 -7.21
C GLY B 192 -23.62 -20.59 -7.55
N GLU B 193 -24.34 -19.47 -7.56
CA GLU B 193 -25.75 -19.52 -7.97
C GLU B 193 -25.90 -19.82 -9.46
N LYS B 194 -25.01 -19.28 -10.29
CA LYS B 194 -25.06 -19.63 -11.72
C LYS B 194 -24.76 -21.11 -11.94
N ALA B 195 -24.11 -21.77 -10.98
CA ALA B 195 -23.90 -23.20 -11.04
C ALA B 195 -25.00 -24.00 -10.36
N GLY B 196 -26.02 -23.33 -9.82
CA GLY B 196 -27.09 -24.03 -9.13
C GLY B 196 -26.77 -24.49 -7.73
N ILE B 197 -25.86 -23.81 -7.03
CA ILE B 197 -25.56 -24.08 -5.62
C ILE B 197 -26.27 -23.03 -4.76
N LYS B 198 -27.05 -23.48 -3.78
CA LYS B 198 -27.66 -22.54 -2.83
C LYS B 198 -26.57 -21.83 -2.01
N ARG B 199 -26.76 -20.52 -1.79
CA ARG B 199 -25.81 -19.72 -1.02
C ARG B 199 -25.43 -20.39 0.32
N SER B 200 -26.41 -20.92 1.05
CA SER B 200 -26.15 -21.66 2.28
C SER B 200 -25.07 -22.71 2.09
N GLN B 201 -25.28 -23.61 1.13
CA GLN B 201 -24.35 -24.71 0.92
C GLN B 201 -22.98 -24.20 0.48
N LEU B 202 -22.96 -23.21 -0.42
CA LEU B 202 -21.68 -22.70 -0.88
C LEU B 202 -20.88 -22.11 0.28
N LEU B 203 -21.54 -21.33 1.16
CA LEU B 203 -20.85 -20.81 2.34
C LEU B 203 -20.35 -21.94 3.23
N THR B 204 -21.19 -22.95 3.49
CA THR B 204 -20.75 -24.02 4.38
C THR B 204 -19.51 -24.70 3.84
N LEU B 205 -19.46 -24.89 2.53
CA LEU B 205 -18.35 -25.59 1.90
C LEU B 205 -17.08 -24.75 1.85
N LEU B 206 -17.22 -23.45 1.61
CA LEU B 206 -16.06 -22.57 1.45
C LEU B 206 -15.34 -22.26 2.77
N GLN B 207 -16.04 -22.36 3.90
CA GLN B 207 -15.45 -22.03 5.21
C GLN B 207 -14.24 -22.89 5.54
N ASP B 208 -14.20 -24.14 5.09
CA ASP B 208 -13.00 -24.96 5.30
C ASP B 208 -12.09 -24.93 4.08
N THR B 209 -11.98 -23.79 3.40
CA THR B 209 -11.09 -23.65 2.27
C THR B 209 -10.26 -22.39 2.47
N GLY B 210 -9.38 -22.13 1.52
CA GLY B 210 -8.59 -20.93 1.52
C GLY B 210 -9.34 -19.67 1.16
N ALA B 211 -10.64 -19.74 0.93
CA ALA B 211 -11.38 -18.54 0.59
C ALA B 211 -11.96 -17.82 1.82
N ARG B 212 -11.92 -18.46 2.99
CA ARG B 212 -12.58 -17.91 4.18
C ARG B 212 -11.97 -16.56 4.56
N SER B 213 -12.84 -15.66 5.02
CA SER B 213 -12.45 -14.34 5.50
C SER B 213 -13.48 -13.88 6.53
N PHE B 214 -13.12 -12.83 7.27
CA PHE B 214 -14.07 -12.25 8.21
C PHE B 214 -15.39 -11.92 7.51
N GLN B 215 -15.32 -11.36 6.31
CA GLN B 215 -16.55 -11.02 5.61
C GLN B 215 -17.37 -12.26 5.30
N MET B 216 -16.73 -13.34 4.85
CA MET B 216 -17.46 -14.59 4.65
C MET B 216 -18.20 -14.99 5.92
N ASP B 217 -17.47 -15.07 7.04
CA ASP B 217 -18.05 -15.49 8.31
C ASP B 217 -19.20 -14.59 8.79
N VAL B 218 -19.02 -13.27 8.73
CA VAL B 218 -20.02 -12.38 9.31
C VAL B 218 -21.18 -12.15 8.32
N ARG B 219 -20.87 -11.67 7.12
CA ARG B 219 -21.89 -11.25 6.18
C ARG B 219 -22.32 -12.35 5.21
N GLY B 220 -21.70 -13.53 5.23
CA GLY B 220 -22.17 -14.59 4.37
C GLY B 220 -23.54 -15.05 4.79
N PRO B 221 -23.68 -15.39 6.07
CA PRO B 221 -25.01 -15.73 6.60
C PRO B 221 -26.10 -14.72 6.24
N TRP B 222 -25.82 -13.42 6.36
CA TRP B 222 -26.83 -12.44 6.03
C TRP B 222 -27.22 -12.54 4.57
N ILE B 223 -26.22 -12.57 3.68
CA ILE B 223 -26.53 -12.67 2.25
C ILE B 223 -27.34 -13.92 1.98
N ALA B 224 -26.96 -15.02 2.60
CA ALA B 224 -27.67 -16.28 2.36
C ALA B 224 -29.08 -16.24 2.91
N ASN B 225 -29.38 -15.33 3.84
CA ASN B 225 -30.73 -15.21 4.39
C ASN B 225 -31.48 -13.98 3.87
N ASP B 226 -31.01 -13.39 2.77
CA ASP B 226 -31.55 -12.12 2.24
C ASP B 226 -31.77 -11.08 3.35
N ASP B 227 -30.77 -10.94 4.21
CA ASP B 227 -30.75 -9.94 5.28
C ASP B 227 -29.80 -8.81 4.89
N PHE B 228 -30.36 -7.61 4.60
CA PHE B 228 -29.54 -6.47 4.17
C PHE B 228 -29.68 -5.24 5.07
N ALA B 229 -30.22 -5.40 6.26
CA ALA B 229 -30.38 -4.28 7.20
C ALA B 229 -29.05 -3.64 7.59
N ASN B 230 -29.04 -2.31 7.79
CA ASN B 230 -27.84 -1.64 8.31
C ASN B 230 -27.19 -2.30 9.48
N ARG B 231 -25.93 -2.64 9.24
CA ARG B 231 -24.88 -2.76 10.22
C ARG B 231 -23.77 -1.76 9.92
N PHE B 232 -23.27 -1.76 8.68
CA PHE B 232 -22.36 -0.74 8.14
C PHE B 232 -22.97 -0.23 6.85
N GLY B 233 -23.38 1.04 6.85
CA GLY B 233 -24.14 1.56 5.73
C GLY B 233 -23.36 1.51 4.43
N LEU B 234 -24.06 1.09 3.36
CA LEU B 234 -23.43 0.98 2.05
C LEU B 234 -22.84 2.32 1.59
N ASP B 235 -23.53 3.43 1.87
CA ASP B 235 -22.97 4.71 1.44
C ASP B 235 -21.78 5.13 2.31
N LEU B 236 -21.74 4.72 3.59
CA LEU B 236 -20.53 4.94 4.37
C LEU B 236 -19.37 4.12 3.82
N ALA B 237 -19.63 2.86 3.48
CA ALA B 237 -18.64 2.04 2.80
C ALA B 237 -18.14 2.73 1.53
N LEU B 238 -19.06 3.21 0.69
CA LEU B 238 -18.66 3.84 -0.56
C LEU B 238 -17.84 5.09 -0.33
N LYS B 239 -18.24 5.91 0.65
CA LYS B 239 -17.47 7.09 1.02
C LYS B 239 -16.02 6.71 1.33
N ASP B 240 -15.84 5.71 2.21
CA ASP B 240 -14.49 5.36 2.64
C ASP B 240 -13.69 4.69 1.53
N VAL B 241 -14.33 3.83 0.72
CA VAL B 241 -13.61 3.16 -0.36
C VAL B 241 -13.17 4.17 -1.41
N ARG B 242 -14.06 5.09 -1.81
CA ARG B 242 -13.68 6.13 -2.75
C ARG B 242 -12.55 6.99 -2.20
N LEU B 243 -12.64 7.36 -0.92
CA LEU B 243 -11.59 8.20 -0.32
C LEU B 243 -10.24 7.48 -0.36
N GLY B 244 -10.22 6.20 0.03
CA GLY B 244 -8.97 5.45 0.00
C GLY B 244 -8.42 5.27 -1.41
N CYS B 245 -9.30 5.03 -2.39
CA CYS B 245 -8.87 4.91 -3.77
C CYS B 245 -8.27 6.22 -4.27
N GLU B 246 -8.88 7.34 -3.91
CA GLU B 246 -8.32 8.64 -4.28
C GLU B 246 -6.96 8.84 -3.62
N MET B 247 -6.82 8.37 -2.38
CA MET B 247 -5.54 8.42 -1.68
C MET B 247 -4.48 7.66 -2.45
N ALA B 248 -4.82 6.46 -2.89
CA ALA B 248 -3.82 5.61 -3.53
C ALA B 248 -3.41 6.17 -4.89
N GLU B 249 -4.37 6.60 -5.70
CA GLU B 249 -3.94 7.11 -6.99
C GLU B 249 -3.31 8.49 -6.89
N ALA B 250 -3.40 9.13 -5.71
CA ALA B 250 -2.53 10.26 -5.42
C ALA B 250 -1.09 9.82 -5.29
N TRP B 251 -0.86 8.58 -4.88
CA TRP B 251 0.49 8.04 -4.77
C TRP B 251 0.94 7.33 -6.06
N GLY B 252 0.18 7.48 -7.14
CA GLY B 252 0.47 6.89 -8.42
C GLY B 252 0.12 5.42 -8.58
N MET B 253 -0.77 4.88 -7.75
CA MET B 253 -1.00 3.44 -7.76
C MET B 253 -2.13 3.05 -8.73
N LYS B 254 -2.27 1.75 -8.99
CA LYS B 254 -3.27 1.24 -9.92
C LYS B 254 -4.36 0.44 -9.19
N ILE B 255 -3.97 -0.39 -8.23
CA ILE B 255 -4.77 -1.27 -7.37
C ILE B 255 -6.06 -1.73 -8.04
N PRO B 256 -5.95 -2.48 -9.15
CA PRO B 256 -7.14 -2.76 -9.99
C PRO B 256 -8.32 -3.42 -9.27
N ALA B 257 -8.06 -4.42 -8.43
CA ALA B 257 -9.15 -5.15 -7.79
C ALA B 257 -9.94 -4.24 -6.87
N MET B 258 -9.23 -3.38 -6.14
CA MET B 258 -9.89 -2.42 -5.25
C MET B 258 -10.71 -1.41 -6.04
N MET B 259 -10.20 -0.96 -7.19
CA MET B 259 -10.97 -0.08 -8.05
C MET B 259 -12.23 -0.78 -8.54
N ALA B 260 -12.16 -2.10 -8.78
CA ALA B 260 -13.37 -2.82 -9.19
C ALA B 260 -14.41 -2.81 -8.07
N ALA B 261 -13.95 -3.03 -6.84
CA ALA B 261 -14.84 -2.92 -5.69
C ALA B 261 -15.50 -1.54 -5.61
N LEU B 262 -14.69 -0.48 -5.76
CA LEU B 262 -15.22 0.88 -5.79
C LEU B 262 -16.32 1.01 -6.82
N GLY B 263 -16.07 0.49 -8.02
CA GLY B 263 -17.09 0.53 -9.06
C GLY B 263 -18.38 -0.16 -8.66
N ILE B 264 -18.28 -1.36 -8.08
CA ILE B 264 -19.53 -2.06 -7.72
C ILE B 264 -20.29 -1.32 -6.60
N PHE B 265 -19.57 -0.66 -5.68
CA PHE B 265 -20.27 0.13 -4.67
C PHE B 265 -20.94 1.35 -5.28
N LYS B 266 -20.26 2.04 -6.22
CA LYS B 266 -20.88 3.14 -6.98
C LYS B 266 -22.14 2.66 -7.70
N LYS B 267 -22.06 1.50 -8.34
CA LYS B 267 -23.24 0.95 -9.01
C LYS B 267 -24.39 0.75 -8.02
N ALA B 268 -24.10 0.20 -6.85
CA ALA B 268 -25.15 -0.02 -5.84
C ALA B 268 -25.75 1.29 -5.33
N SER B 269 -24.91 2.25 -4.92
CA SER B 269 -25.41 3.54 -4.47
C SER B 269 -26.32 4.17 -5.52
N ALA B 270 -25.96 4.03 -6.80
CA ALA B 270 -26.79 4.57 -7.87
C ALA B 270 -28.14 3.85 -7.96
N THR B 271 -28.16 2.53 -7.75
CA THR B 271 -29.42 1.78 -7.62
C THR B 271 -30.24 2.24 -6.42
N GLY B 272 -29.68 3.07 -5.54
CA GLY B 272 -30.48 3.64 -4.47
C GLY B 272 -30.63 2.74 -3.27
N LEU B 273 -29.58 2.05 -2.89
CA LEU B 273 -29.64 1.23 -1.69
C LEU B 273 -28.45 1.54 -0.77
N GLY B 274 -28.14 2.84 -0.65
CA GLY B 274 -27.08 3.31 0.20
C GLY B 274 -27.41 3.25 1.67
N SER B 275 -28.69 3.06 2.00
CA SER B 275 -29.11 2.92 3.40
C SER B 275 -29.04 1.48 3.87
N GLU B 276 -28.85 0.53 2.97
CA GLU B 276 -28.75 -0.87 3.37
C GLU B 276 -27.32 -1.16 3.78
N ASP B 277 -27.09 -2.39 4.25
CA ASP B 277 -25.75 -2.79 4.65
C ASP B 277 -24.83 -2.87 3.43
N CYS B 278 -23.53 -2.95 3.73
CA CYS B 278 -22.51 -3.28 2.72
C CYS B 278 -22.96 -4.38 1.77
N ASN B 279 -23.38 -5.50 2.36
CA ASN B 279 -23.65 -6.69 1.60
C ASN B 279 -24.75 -6.49 0.56
N ALA B 280 -25.46 -5.36 0.61
CA ALA B 280 -26.44 -5.07 -0.43
C ALA B 280 -25.80 -4.95 -1.82
N ILE B 281 -24.46 -4.80 -1.90
CA ILE B 281 -23.80 -4.82 -3.22
C ILE B 281 -24.01 -6.15 -3.92
N TYR B 282 -24.28 -7.22 -3.15
CA TYR B 282 -24.64 -8.49 -3.74
C TYR B 282 -25.74 -8.34 -4.76
N LYS B 283 -26.70 -7.44 -4.49
CA LYS B 283 -27.87 -7.26 -5.35
C LYS B 283 -27.52 -6.64 -6.70
N VAL B 284 -26.29 -6.18 -6.89
CA VAL B 284 -25.91 -5.63 -8.18
C VAL B 284 -24.67 -6.36 -8.67
N THR B 285 -24.35 -7.50 -8.04
CA THR B 285 -23.19 -8.30 -8.40
C THR B 285 -23.53 -9.20 -9.57
N GLU B 286 -22.70 -9.12 -10.60
CA GLU B 286 -22.81 -9.95 -11.79
C GLU B 286 -21.45 -10.10 -12.46
N MET C 1 -12.78 -56.10 -8.07
CA MET C 1 -12.95 -54.77 -8.66
C MET C 1 -11.66 -54.36 -9.41
N GLN C 2 -11.80 -53.92 -10.67
CA GLN C 2 -10.65 -53.55 -11.49
C GLN C 2 -10.57 -52.03 -11.59
N ILE C 3 -9.52 -51.42 -11.05
CA ILE C 3 -9.37 -49.96 -11.08
C ILE C 3 -8.24 -49.59 -12.04
N GLY C 4 -8.50 -48.58 -12.88
CA GLY C 4 -7.46 -47.92 -13.64
C GLY C 4 -7.33 -46.46 -13.22
N PHE C 5 -6.17 -45.86 -13.44
CA PHE C 5 -5.92 -44.53 -12.88
C PHE C 5 -4.89 -43.81 -13.75
N ILE C 6 -5.37 -42.78 -14.45
CA ILE C 6 -4.60 -42.02 -15.43
C ILE C 6 -4.17 -40.71 -14.80
N GLY C 7 -2.85 -40.53 -14.67
CA GLY C 7 -2.31 -39.29 -14.14
C GLY C 7 -2.06 -39.37 -12.65
N VAL C 8 -0.84 -39.70 -12.24
CA VAL C 8 -0.52 -39.77 -10.83
C VAL C 8 0.35 -38.60 -10.46
N GLY C 9 -0.14 -37.39 -10.74
CA GLY C 9 0.57 -36.17 -10.44
C GLY C 9 0.45 -35.74 -9.00
N LEU C 10 0.44 -34.41 -8.80
CA LEU C 10 0.55 -33.87 -7.46
C LEU C 10 -0.64 -34.23 -6.59
N MET C 11 -1.86 -34.14 -7.14
CA MET C 11 -3.06 -34.52 -6.41
C MET C 11 -3.55 -35.92 -6.73
N GLY C 12 -3.34 -36.40 -7.98
CA GLY C 12 -3.81 -37.73 -8.35
C GLY C 12 -2.97 -38.85 -7.75
N GLY C 13 -1.66 -38.64 -7.70
CA GLY C 13 -0.76 -39.59 -7.12
C GLY C 13 -1.14 -40.02 -5.71
N PRO C 14 -1.47 -39.08 -4.83
CA PRO C 14 -1.84 -39.49 -3.47
C PRO C 14 -3.05 -40.40 -3.42
N LEU C 15 -4.07 -40.15 -4.23
CA LEU C 15 -5.23 -41.05 -4.23
C LEU C 15 -4.87 -42.41 -4.81
N ALA C 16 -4.01 -42.44 -5.83
CA ALA C 16 -3.56 -43.71 -6.37
C ALA C 16 -2.81 -44.53 -5.32
N ARG C 17 -1.83 -43.90 -4.66
CA ARG C 17 -1.12 -44.54 -3.57
C ARG C 17 -2.09 -45.02 -2.49
N ASN C 18 -3.08 -44.20 -2.13
CA ASN C 18 -4.00 -44.59 -1.05
C ASN C 18 -4.84 -45.80 -1.44
N LEU C 19 -5.28 -45.85 -2.69
CA LEU C 19 -6.01 -47.03 -3.17
C LEU C 19 -5.12 -48.27 -3.12
N ILE C 20 -3.86 -48.13 -3.53
CA ILE C 20 -2.94 -49.26 -3.52
C ILE C 20 -2.67 -49.70 -2.08
N ARG C 21 -2.42 -48.75 -1.17
CA ARG C 21 -2.19 -49.07 0.24
C ARG C 21 -3.36 -49.82 0.84
N ALA C 22 -4.57 -49.56 0.34
CA ALA C 22 -5.80 -50.23 0.72
C ALA C 22 -5.98 -51.59 0.06
N GLY C 23 -5.02 -52.03 -0.77
CA GLY C 23 -5.03 -53.36 -1.35
C GLY C 23 -5.76 -53.50 -2.67
N LYS C 24 -6.12 -52.41 -3.33
CA LYS C 24 -6.95 -52.46 -4.53
C LYS C 24 -6.14 -52.73 -5.79
N ASP C 25 -6.84 -53.21 -6.83
CA ASP C 25 -6.20 -53.60 -8.09
C ASP C 25 -6.10 -52.40 -9.02
N VAL C 26 -5.06 -51.60 -8.81
CA VAL C 26 -4.87 -50.34 -9.51
C VAL C 26 -3.87 -50.54 -10.64
N THR C 27 -4.22 -50.05 -11.83
CA THR C 27 -3.29 -50.02 -12.95
C THR C 27 -3.07 -48.56 -13.32
N VAL C 28 -1.85 -48.10 -13.17
CA VAL C 28 -1.47 -46.71 -13.35
C VAL C 28 -1.04 -46.45 -14.79
N TYR C 29 -1.43 -45.30 -15.33
CA TYR C 29 -1.00 -44.87 -16.66
C TYR C 29 -0.54 -43.42 -16.60
N ASP C 30 0.76 -43.19 -16.79
CA ASP C 30 1.27 -41.83 -16.79
C ASP C 30 2.49 -41.76 -17.70
N LEU C 31 2.57 -40.68 -18.50
CA LEU C 31 3.70 -40.49 -19.39
C LEU C 31 5.00 -40.19 -18.65
N SER C 32 4.89 -39.79 -17.38
CA SER C 32 6.06 -39.58 -16.54
C SER C 32 6.40 -40.94 -15.97
N PRO C 33 7.53 -41.55 -16.33
CA PRO C 33 7.76 -42.91 -15.86
C PRO C 33 7.98 -42.92 -14.37
N GLU C 34 8.44 -41.80 -13.79
CA GLU C 34 8.83 -41.89 -12.39
C GLU C 34 7.76 -41.38 -11.46
N ALA C 35 6.84 -40.58 -11.98
CA ALA C 35 5.54 -40.50 -11.34
C ALA C 35 4.97 -41.91 -11.16
N VAL C 36 4.99 -42.72 -12.23
CA VAL C 36 4.50 -44.10 -12.10
C VAL C 36 5.31 -44.86 -11.05
N LYS C 37 6.64 -44.76 -11.10
CA LYS C 37 7.48 -45.49 -10.13
C LYS C 37 7.16 -45.05 -8.70
N LYS C 38 7.04 -43.73 -8.46
CA LYS C 38 6.73 -43.21 -7.12
C LYS C 38 5.40 -43.75 -6.61
N THR C 39 4.40 -43.82 -7.49
CA THR C 39 3.08 -44.28 -7.04
C THR C 39 3.05 -45.79 -6.88
N LEU C 40 3.76 -46.52 -7.74
CA LEU C 40 3.78 -47.98 -7.65
C LEU C 40 4.49 -48.44 -6.40
N ALA C 41 5.41 -47.62 -5.88
CA ALA C 41 6.20 -47.98 -4.70
C ALA C 41 5.43 -47.93 -3.40
N ALA C 42 4.10 -47.80 -3.43
CA ALA C 42 3.30 -47.73 -2.22
C ALA C 42 2.79 -49.09 -1.77
N GLY C 43 3.01 -50.11 -2.57
CA GLY C 43 2.55 -51.46 -2.30
C GLY C 43 2.80 -52.27 -3.54
N ASN C 44 2.70 -53.58 -3.37
CA ASN C 44 2.92 -54.48 -4.50
C ASN C 44 1.61 -54.89 -5.17
N THR C 45 0.50 -54.24 -4.81
CA THR C 45 -0.83 -54.50 -5.36
C THR C 45 -1.22 -53.59 -6.53
N GLY C 46 -0.37 -52.65 -6.89
CA GLY C 46 -0.64 -51.78 -8.01
C GLY C 46 0.40 -52.07 -9.08
N LYS C 47 -0.02 -51.99 -10.34
CA LYS C 47 0.86 -52.34 -11.46
C LYS C 47 0.71 -51.30 -12.56
N ALA C 48 1.70 -51.26 -13.45
CA ALA C 48 1.76 -50.21 -14.47
C ALA C 48 1.16 -50.67 -15.79
N ALA C 49 0.87 -49.70 -16.65
CA ALA C 49 0.22 -49.93 -17.93
C ALA C 49 1.19 -49.59 -19.05
N ALA C 50 1.46 -50.56 -19.93
CA ALA C 50 2.32 -50.32 -21.07
C ALA C 50 1.72 -49.31 -22.03
N SER C 51 0.39 -49.37 -22.20
CA SER C 51 -0.33 -48.47 -23.09
C SER C 51 -1.72 -48.23 -22.51
N LEU C 52 -2.47 -47.35 -23.19
CA LEU C 52 -3.81 -46.98 -22.74
C LEU C 52 -4.77 -48.17 -22.80
N ALA C 53 -4.61 -49.02 -23.82
CA ALA C 53 -5.48 -50.18 -24.01
C ALA C 53 -5.38 -51.19 -22.87
N ASP C 54 -4.37 -51.09 -22.00
CA ASP C 54 -4.32 -51.96 -20.83
C ASP C 54 -5.45 -51.66 -19.85
N LEU C 55 -6.11 -50.51 -19.99
CA LEU C 55 -7.17 -50.10 -19.09
C LEU C 55 -8.56 -50.44 -19.61
N ALA C 56 -8.66 -51.10 -20.77
CA ALA C 56 -9.95 -51.26 -21.43
C ALA C 56 -10.91 -52.15 -20.64
N ASP C 57 -10.41 -53.18 -19.96
CA ASP C 57 -11.23 -54.00 -19.07
C ASP C 57 -11.54 -53.40 -17.70
N LYS C 58 -11.07 -52.20 -17.38
CA LYS C 58 -11.21 -51.74 -16.01
C LYS C 58 -12.66 -51.35 -15.68
N ASP C 59 -13.03 -51.56 -14.39
CA ASP C 59 -14.38 -51.29 -13.87
C ASP C 59 -14.60 -49.81 -13.49
N ILE C 60 -13.61 -49.17 -12.88
CA ILE C 60 -13.62 -47.73 -12.61
C ILE C 60 -12.28 -47.18 -13.07
N VAL C 61 -12.31 -46.06 -13.80
CA VAL C 61 -11.06 -45.40 -14.16
C VAL C 61 -11.10 -43.96 -13.68
N PHE C 62 -10.11 -43.60 -12.86
CA PHE C 62 -9.92 -42.24 -12.41
C PHE C 62 -9.01 -41.52 -13.38
N THR C 63 -9.25 -40.24 -13.59
CA THR C 63 -8.32 -39.41 -14.34
C THR C 63 -8.00 -38.13 -13.57
N SER C 64 -6.71 -37.79 -13.49
CA SER C 64 -6.23 -36.59 -12.80
C SER C 64 -5.13 -35.97 -13.66
N LEU C 65 -5.49 -34.91 -14.38
CA LEU C 65 -4.65 -34.35 -15.42
C LEU C 65 -4.66 -32.84 -15.33
N PRO C 66 -3.63 -32.16 -15.88
CA PRO C 66 -3.46 -30.73 -15.60
C PRO C 66 -4.45 -29.82 -16.32
N LEU C 67 -4.87 -30.15 -17.55
CA LEU C 67 -5.68 -29.24 -18.36
C LEU C 67 -6.96 -29.91 -18.82
N PRO C 68 -8.04 -29.16 -19.07
CA PRO C 68 -9.25 -29.81 -19.60
C PRO C 68 -9.00 -30.43 -20.97
N THR C 69 -8.13 -29.80 -21.75
CA THR C 69 -7.69 -30.35 -23.04
C THR C 69 -7.07 -31.74 -22.88
N HIS C 70 -6.24 -31.94 -21.84
CA HIS C 70 -5.61 -33.24 -21.66
C HIS C 70 -6.64 -34.31 -21.33
N VAL C 71 -7.59 -33.99 -20.45
CA VAL C 71 -8.60 -34.99 -20.13
C VAL C 71 -9.40 -35.34 -21.37
N LEU C 72 -9.80 -34.32 -22.14
CA LEU C 72 -10.56 -34.59 -23.36
C LEU C 72 -9.75 -35.42 -24.36
N GLY C 73 -8.46 -35.14 -24.52
CA GLY C 73 -7.65 -35.92 -25.45
C GLY C 73 -7.46 -37.36 -25.02
N VAL C 74 -7.29 -37.58 -23.72
CA VAL C 74 -7.06 -38.95 -23.25
C VAL C 74 -8.35 -39.75 -23.26
N VAL C 75 -9.50 -39.14 -22.96
CA VAL C 75 -10.74 -39.91 -22.84
C VAL C 75 -11.58 -39.93 -24.13
N LEU C 76 -11.46 -38.93 -25.00
CA LEU C 76 -12.43 -38.76 -26.08
C LEU C 76 -11.80 -38.75 -27.48
N GLY C 77 -10.55 -39.16 -27.63
CA GLY C 77 -10.14 -39.46 -28.99
C GLY C 77 -10.90 -40.66 -29.52
N ASN C 78 -10.75 -40.93 -30.82
CA ASN C 78 -11.14 -42.25 -31.32
C ASN C 78 -10.21 -43.30 -30.73
N ASP C 79 -8.94 -42.94 -30.52
CA ASP C 79 -7.99 -43.79 -29.85
C ASP C 79 -7.97 -43.51 -28.35
N GLY C 80 -9.06 -43.00 -27.79
CA GLY C 80 -9.12 -42.63 -26.39
C GLY C 80 -9.69 -43.73 -25.51
N LEU C 81 -9.75 -43.42 -24.23
CA LEU C 81 -10.10 -44.41 -23.21
C LEU C 81 -11.57 -44.77 -23.31
N LEU C 82 -12.44 -43.77 -23.38
CA LEU C 82 -13.87 -44.02 -23.17
C LEU C 82 -14.42 -45.01 -24.16
N GLU C 83 -13.95 -44.98 -25.42
CA GLU C 83 -14.55 -45.91 -26.37
C GLU C 83 -14.28 -47.37 -25.99
N LYS C 84 -13.10 -47.66 -25.45
CA LYS C 84 -12.69 -49.04 -25.28
C LYS C 84 -13.03 -49.61 -23.91
N LEU C 85 -14.00 -49.02 -23.22
CA LEU C 85 -14.46 -49.47 -21.92
C LEU C 85 -15.72 -50.29 -22.05
N LYS C 86 -15.83 -51.32 -21.21
CA LYS C 86 -17.07 -52.08 -21.10
C LYS C 86 -18.20 -51.17 -20.66
N PRO C 87 -19.39 -51.26 -21.27
CA PRO C 87 -20.54 -50.52 -20.74
C PRO C 87 -20.84 -50.94 -19.32
N GLY C 88 -21.20 -49.96 -18.48
CA GLY C 88 -21.38 -50.18 -17.07
C GLY C 88 -20.19 -49.75 -16.21
N ALA C 89 -19.03 -49.55 -16.83
CA ALA C 89 -17.87 -49.04 -16.14
C ALA C 89 -18.07 -47.57 -15.81
N THR C 90 -17.33 -47.08 -14.81
CA THR C 90 -17.52 -45.73 -14.31
C THR C 90 -16.24 -44.92 -14.47
N HIS C 91 -16.39 -43.72 -15.03
CA HIS C 91 -15.29 -42.77 -15.12
C HIS C 91 -15.41 -41.75 -14.00
N ILE C 92 -14.42 -41.73 -13.11
CA ILE C 92 -14.32 -40.72 -12.08
C ILE C 92 -13.29 -39.73 -12.55
N GLU C 93 -13.69 -38.50 -12.62
CA GLU C 93 -12.81 -37.45 -13.04
C GLU C 93 -12.48 -36.53 -11.88
N LEU C 94 -11.21 -36.56 -11.47
CA LEU C 94 -10.59 -35.87 -10.34
C LEU C 94 -9.93 -34.52 -10.69
N SER C 95 -9.87 -34.14 -11.96
CA SER C 95 -9.14 -32.96 -12.39
C SER C 95 -9.95 -31.70 -12.11
N THR C 96 -9.25 -30.61 -11.84
CA THR C 96 -9.88 -29.29 -11.68
C THR C 96 -10.17 -28.79 -13.09
N ILE C 97 -11.33 -29.18 -13.64
CA ILE C 97 -11.76 -28.73 -14.95
C ILE C 97 -12.99 -27.82 -14.81
N ASP C 98 -13.34 -27.16 -15.91
CA ASP C 98 -14.51 -26.28 -16.00
C ASP C 98 -15.78 -27.11 -16.23
N PRO C 99 -16.96 -26.55 -15.95
CA PRO C 99 -18.19 -27.36 -16.04
C PRO C 99 -18.56 -27.74 -17.46
N GLN C 100 -18.29 -26.88 -18.45
CA GLN C 100 -18.59 -27.22 -19.84
C GLN C 100 -17.92 -28.54 -20.24
N THR C 101 -16.63 -28.67 -19.89
CA THR C 101 -15.88 -29.87 -20.22
C THR C 101 -16.39 -31.08 -19.46
N SER C 102 -16.72 -30.93 -18.18
CA SER C 102 -17.14 -32.15 -17.51
C SER C 102 -18.53 -32.57 -17.94
N VAL C 103 -19.36 -31.62 -18.37
CA VAL C 103 -20.66 -31.97 -18.93
C VAL C 103 -20.49 -32.71 -20.25
N LYS C 104 -19.52 -32.26 -21.07
CA LYS C 104 -19.17 -32.97 -22.30
C LYS C 104 -18.74 -34.41 -22.04
N LEU C 105 -17.87 -34.60 -21.03
CA LEU C 105 -17.45 -35.95 -20.64
C LEU C 105 -18.64 -36.79 -20.19
N GLU C 106 -19.49 -36.23 -19.33
CA GLU C 106 -20.62 -36.97 -18.80
C GLU C 106 -21.60 -37.38 -19.89
N ALA C 107 -21.83 -36.49 -20.86
CA ALA C 107 -22.74 -36.83 -21.96
C ALA C 107 -22.14 -37.91 -22.85
N ALA C 108 -20.83 -37.82 -23.16
CA ALA C 108 -20.15 -38.91 -23.85
C ALA C 108 -20.35 -40.25 -23.13
N ALA C 109 -20.05 -40.27 -21.83
CA ALA C 109 -20.17 -41.48 -21.03
C ALA C 109 -21.59 -42.01 -21.05
N ARG C 110 -22.59 -41.15 -20.83
CA ARG C 110 -23.95 -41.67 -20.80
C ARG C 110 -24.41 -42.17 -22.15
N ALA C 111 -23.93 -41.54 -23.24
CA ALA C 111 -24.31 -41.98 -24.58
C ALA C 111 -23.69 -43.32 -24.94
N LYS C 112 -22.55 -43.65 -24.34
CA LYS C 112 -22.00 -44.98 -24.57
C LYS C 112 -22.61 -46.06 -23.68
N GLY C 113 -23.25 -45.68 -22.58
CA GLY C 113 -23.66 -46.67 -21.60
C GLY C 113 -22.75 -46.82 -20.40
N CYS C 114 -21.93 -45.81 -20.09
CA CYS C 114 -21.08 -45.77 -18.90
C CYS C 114 -21.58 -44.73 -17.92
N HIS C 115 -21.07 -44.83 -16.69
CA HIS C 115 -21.36 -43.90 -15.61
C HIS C 115 -20.23 -42.88 -15.52
N PHE C 116 -20.54 -41.70 -14.97
CA PHE C 116 -19.55 -40.65 -14.84
C PHE C 116 -19.80 -39.87 -13.57
N LEU C 117 -18.74 -39.65 -12.79
CA LEU C 117 -18.77 -38.76 -11.64
C LEU C 117 -17.67 -37.73 -11.78
N GLN C 118 -17.96 -36.49 -11.41
CA GLN C 118 -16.93 -35.51 -11.18
C GLN C 118 -16.59 -35.54 -9.69
N CYS C 119 -15.31 -35.45 -9.39
CA CYS C 119 -14.84 -35.57 -8.01
C CYS C 119 -13.66 -34.63 -7.86
N THR C 120 -13.93 -33.34 -7.66
CA THR C 120 -12.82 -32.42 -7.47
C THR C 120 -12.32 -32.52 -6.03
N LEU C 121 -11.04 -32.19 -5.84
CA LEU C 121 -10.33 -32.41 -4.60
C LEU C 121 -9.96 -31.09 -3.95
N GLY C 122 -10.20 -30.96 -2.66
CA GLY C 122 -9.83 -29.77 -1.92
C GLY C 122 -8.48 -29.90 -1.25
N LYS C 123 -8.09 -28.80 -0.62
CA LYS C 123 -6.89 -28.69 0.22
C LYS C 123 -5.65 -29.01 -0.61
N THR C 124 -4.60 -29.51 0.03
CA THR C 124 -3.25 -29.62 -0.51
C THR C 124 -2.92 -31.06 -0.84
N PRO C 125 -1.85 -31.31 -1.62
CA PRO C 125 -1.41 -32.69 -1.77
C PRO C 125 -1.01 -33.34 -0.45
N ALA C 126 -0.46 -32.56 0.50
CA ALA C 126 -0.15 -33.08 1.82
C ALA C 126 -1.38 -33.69 2.48
N HIS C 127 -2.51 -32.96 2.45
CA HIS C 127 -3.79 -33.48 2.92
C HIS C 127 -4.18 -34.74 2.15
N ALA C 128 -4.08 -34.66 0.82
CA ALA C 128 -4.50 -35.78 -0.01
C ALA C 128 -3.75 -37.07 0.32
N GLU C 129 -2.48 -36.97 0.74
CA GLU C 129 -1.72 -38.16 1.13
C GLU C 129 -2.38 -38.88 2.29
N LYS C 130 -2.94 -38.12 3.22
CA LYS C 130 -3.51 -38.64 4.44
C LYS C 130 -4.99 -39.01 4.25
N ALA C 131 -5.49 -38.86 3.02
CA ALA C 131 -6.91 -38.97 2.68
C ALA C 131 -7.76 -38.09 3.60
N GLU C 132 -7.24 -36.89 3.90
CA GLU C 132 -7.84 -35.91 4.79
C GLU C 132 -8.27 -34.66 4.03
N GLU C 133 -8.37 -34.77 2.74
CA GLU C 133 -8.87 -33.81 1.76
C GLU C 133 -10.39 -33.87 1.59
N PRO C 134 -11.02 -32.77 1.19
CA PRO C 134 -12.44 -32.84 0.82
C PRO C 134 -12.61 -33.38 -0.59
N LEU C 135 -13.69 -34.13 -0.80
CA LEU C 135 -14.14 -34.53 -2.12
C LEU C 135 -15.45 -33.85 -2.44
N PHE C 136 -15.50 -33.18 -3.57
CA PHE C 136 -16.75 -32.59 -4.07
C PHE C 136 -17.19 -33.46 -5.26
N ILE C 137 -18.13 -34.39 -5.00
CA ILE C 137 -18.64 -35.35 -5.99
C ILE C 137 -19.96 -34.86 -6.57
N GLY C 138 -20.01 -34.76 -7.90
CA GLY C 138 -21.25 -34.50 -8.59
C GLY C 138 -21.49 -35.52 -9.69
N GLY C 139 -22.76 -35.68 -10.04
CA GLY C 139 -23.15 -36.65 -11.03
C GLY C 139 -24.25 -37.54 -10.49
N ASP C 140 -24.52 -38.63 -11.22
CA ASP C 140 -25.61 -39.54 -10.90
C ASP C 140 -25.58 -40.02 -9.45
N LYS C 141 -26.58 -39.60 -8.65
CA LYS C 141 -26.64 -39.97 -7.24
C LYS C 141 -26.55 -41.47 -7.04
N ALA C 142 -27.07 -42.25 -7.99
CA ALA C 142 -27.01 -43.70 -7.85
C ALA C 142 -25.57 -44.17 -7.70
N ILE C 143 -24.67 -43.63 -8.53
CA ILE C 143 -23.28 -44.09 -8.52
C ILE C 143 -22.56 -43.63 -7.26
N PHE C 144 -22.81 -42.37 -6.85
CA PHE C 144 -22.31 -41.90 -5.57
C PHE C 144 -22.69 -42.86 -4.45
N ASP C 145 -23.91 -43.41 -4.48
CA ASP C 145 -24.30 -44.29 -3.40
C ASP C 145 -23.63 -45.66 -3.51
N GLU C 146 -23.51 -46.22 -4.73
CA GLU C 146 -22.89 -47.53 -4.90
C GLU C 146 -21.45 -47.56 -4.38
N LEU C 147 -20.73 -46.44 -4.58
CA LEU C 147 -19.31 -46.34 -4.25
C LEU C 147 -19.06 -45.84 -2.83
N ALA C 148 -20.03 -45.99 -1.93
CA ALA C 148 -19.92 -45.37 -0.61
C ALA C 148 -18.71 -45.87 0.16
N ALA C 149 -18.38 -47.17 0.03
CA ALA C 149 -17.21 -47.74 0.70
C ALA C 149 -15.91 -47.27 0.08
N LEU C 150 -15.96 -46.78 -1.17
CA LEU C 150 -14.75 -46.35 -1.86
C LEU C 150 -14.22 -45.06 -1.25
N TRP C 151 -15.11 -44.09 -1.07
CA TRP C 151 -14.71 -42.70 -0.79
C TRP C 151 -13.79 -42.52 0.41
N PRO C 152 -14.05 -43.11 1.58
CA PRO C 152 -13.14 -42.86 2.72
C PRO C 152 -11.69 -43.22 2.44
N ILE C 153 -11.42 -44.06 1.45
CA ILE C 153 -10.06 -44.47 1.13
C ILE C 153 -9.29 -43.31 0.49
N ILE C 154 -9.96 -42.48 -0.31
CA ILE C 154 -9.31 -41.44 -1.10
C ILE C 154 -9.50 -40.05 -0.51
N GLY C 155 -10.70 -39.72 -0.01
CA GLY C 155 -10.95 -38.38 0.50
C GLY C 155 -11.81 -38.42 1.75
N SER C 156 -11.65 -37.37 2.60
CA SER C 156 -12.18 -37.50 3.96
C SER C 156 -13.63 -37.05 4.03
N PRO C 157 -13.99 -35.75 4.09
CA PRO C 157 -15.44 -35.45 3.93
C PRO C 157 -15.79 -35.61 2.45
N ALA C 158 -16.67 -36.57 2.16
CA ALA C 158 -17.15 -36.83 0.78
C ALA C 158 -18.48 -36.12 0.54
N TYR C 159 -18.40 -34.89 0.03
CA TYR C 159 -19.57 -34.02 -0.16
C TYR C 159 -20.26 -34.36 -1.48
N TYR C 160 -21.60 -34.48 -1.44
CA TYR C 160 -22.39 -34.74 -2.65
C TYR C 160 -22.98 -33.43 -3.16
N MET C 161 -22.49 -32.97 -4.31
CA MET C 161 -22.83 -31.67 -4.86
C MET C 161 -24.09 -31.68 -5.74
N GLY C 162 -24.62 -32.85 -6.10
CA GLY C 162 -25.71 -32.90 -7.06
C GLY C 162 -25.20 -32.98 -8.49
N THR C 163 -25.00 -31.83 -9.13
CA THR C 163 -24.56 -31.79 -10.52
C THR C 163 -23.05 -31.78 -10.66
N VAL C 164 -22.57 -32.23 -11.82
CA VAL C 164 -21.14 -32.15 -12.11
C VAL C 164 -20.71 -30.69 -12.19
N GLU C 165 -21.62 -29.81 -12.59
CA GLU C 165 -21.28 -28.40 -12.68
C GLU C 165 -21.03 -27.82 -11.28
N ALA C 166 -21.84 -28.23 -10.30
CA ALA C 166 -21.60 -27.83 -8.91
C ALA C 166 -20.24 -28.34 -8.44
N SER C 167 -19.90 -29.58 -8.81
CA SER C 167 -18.62 -30.17 -8.44
C SER C 167 -17.44 -29.33 -8.97
N CYS C 168 -17.44 -29.01 -10.26
CA CYS C 168 -16.37 -28.15 -10.80
C CYS C 168 -16.39 -26.77 -10.15
N ALA C 169 -17.58 -26.20 -9.99
CA ALA C 169 -17.70 -24.80 -9.64
C ALA C 169 -17.25 -24.54 -8.21
N VAL C 170 -17.55 -25.44 -7.27
CA VAL C 170 -17.18 -25.14 -5.89
C VAL C 170 -15.66 -25.10 -5.72
N LYS C 171 -14.93 -26.05 -6.35
CA LYS C 171 -13.47 -26.02 -6.33
C LYS C 171 -12.91 -24.75 -6.98
N LEU C 172 -13.42 -24.43 -8.18
CA LEU C 172 -12.92 -23.23 -8.86
C LEU C 172 -13.25 -21.95 -8.07
N ILE C 173 -14.45 -21.86 -7.51
CA ILE C 173 -14.84 -20.68 -6.75
C ILE C 173 -13.93 -20.53 -5.56
N SER C 174 -13.63 -21.64 -4.86
CA SER C 174 -12.77 -21.52 -3.68
C SER C 174 -11.39 -20.98 -4.08
N ASN C 175 -10.85 -21.44 -5.22
CA ASN C 175 -9.57 -20.87 -5.61
C ASN C 175 -9.70 -19.43 -6.11
N MET C 176 -10.80 -19.09 -6.79
CA MET C 176 -11.00 -17.72 -7.26
C MET C 176 -11.10 -16.74 -6.10
N VAL C 177 -11.93 -17.07 -5.10
CA VAL C 177 -12.07 -16.18 -3.95
C VAL C 177 -10.78 -16.10 -3.16
N GLY C 178 -10.10 -17.24 -2.91
CA GLY C 178 -8.87 -17.19 -2.13
C GLY C 178 -7.76 -16.41 -2.81
N MET C 179 -7.55 -16.64 -4.12
CA MET C 179 -6.47 -15.94 -4.81
C MET C 179 -6.81 -14.48 -5.05
N THR C 180 -8.09 -14.15 -5.23
CA THR C 180 -8.46 -12.74 -5.29
C THR C 180 -8.22 -12.08 -3.94
N ASN C 181 -8.58 -12.77 -2.86
CA ASN C 181 -8.27 -12.29 -1.53
C ASN C 181 -6.79 -11.97 -1.41
N LEU C 182 -5.95 -12.88 -1.89
CA LEU C 182 -4.52 -12.70 -1.81
C LEU C 182 -4.07 -11.49 -2.62
N ALA C 183 -4.61 -11.32 -3.82
CA ALA C 183 -4.29 -10.15 -4.65
C ALA C 183 -4.68 -8.86 -3.93
N VAL C 184 -5.84 -8.86 -3.29
CA VAL C 184 -6.31 -7.68 -2.57
C VAL C 184 -5.41 -7.39 -1.36
N LEU C 185 -4.99 -8.44 -0.65
CA LEU C 185 -4.02 -8.27 0.44
C LEU C 185 -2.73 -7.65 -0.06
N ALA C 186 -2.27 -8.08 -1.24
CA ALA C 186 -1.10 -7.44 -1.83
C ALA C 186 -1.36 -5.97 -2.06
N GLU C 187 -2.54 -5.64 -2.59
CA GLU C 187 -2.87 -4.24 -2.80
C GLU C 187 -2.83 -3.47 -1.50
N GLY C 188 -3.38 -4.05 -0.43
CA GLY C 188 -3.34 -3.38 0.86
C GLY C 188 -1.94 -3.16 1.37
N ILE C 189 -1.11 -4.21 1.36
CA ILE C 189 0.25 -4.11 1.88
C ILE C 189 1.04 -3.08 1.09
N ARG C 190 0.87 -3.05 -0.23
CA ARG C 190 1.64 -2.16 -1.08
C ARG C 190 1.19 -0.71 -0.91
N ILE C 191 -0.10 -0.49 -0.63
CA ILE C 191 -0.57 0.83 -0.19
C ILE C 191 0.08 1.24 1.13
N GLY C 192 0.10 0.32 2.10
CA GLY C 192 0.71 0.63 3.39
C GLY C 192 2.18 1.02 3.29
N GLU C 193 2.92 0.37 2.39
CA GLU C 193 4.31 0.80 2.17
C GLU C 193 4.36 2.18 1.53
N LYS C 194 3.35 2.53 0.73
CA LYS C 194 3.30 3.91 0.25
C LYS C 194 3.06 4.91 1.39
N ALA C 195 2.49 4.47 2.52
CA ALA C 195 2.28 5.32 3.70
C ALA C 195 3.38 5.23 4.74
N GLY C 196 4.45 4.47 4.49
CA GLY C 196 5.52 4.29 5.45
C GLY C 196 5.19 3.30 6.53
N ILE C 197 4.26 2.39 6.24
CA ILE C 197 3.93 1.29 7.13
C ILE C 197 4.62 0.03 6.64
N LYS C 198 5.42 -0.51 7.55
CA LYS C 198 6.06 -1.81 7.50
C LYS C 198 5.04 -2.95 7.30
N ARG C 199 5.34 -3.90 6.39
CA ARG C 199 4.42 -5.02 6.18
C ARG C 199 4.02 -5.72 7.48
N SER C 200 5.01 -6.02 8.31
CA SER C 200 4.78 -6.55 9.64
C SER C 200 3.73 -5.73 10.39
N GLN C 201 3.96 -4.42 10.55
CA GLN C 201 3.00 -3.63 11.30
C GLN C 201 1.63 -3.67 10.68
N LEU C 202 1.57 -3.58 9.36
CA LEU C 202 0.27 -3.50 8.73
C LEU C 202 -0.53 -4.76 9.01
N LEU C 203 0.10 -5.93 8.89
CA LEU C 203 -0.60 -7.18 9.17
C LEU C 203 -1.03 -7.25 10.63
N THR C 204 -0.13 -6.88 11.54
CA THR C 204 -0.49 -6.93 12.96
C THR C 204 -1.71 -6.06 13.24
N LEU C 205 -1.78 -4.90 12.59
CA LEU C 205 -2.90 -4.00 12.82
C LEU C 205 -4.17 -4.53 12.18
N LEU C 206 -4.07 -5.05 10.97
CA LEU C 206 -5.26 -5.49 10.26
C LEU C 206 -5.84 -6.77 10.83
N GLN C 207 -5.06 -7.55 11.59
CA GLN C 207 -5.57 -8.82 12.09
C GLN C 207 -6.86 -8.66 12.87
N ASP C 208 -6.97 -7.63 13.70
CA ASP C 208 -8.18 -7.48 14.50
C ASP C 208 -9.15 -6.47 13.86
N THR C 209 -9.33 -6.51 12.54
CA THR C 209 -10.29 -5.69 11.79
C THR C 209 -11.08 -6.58 10.85
N GLY C 210 -11.97 -5.97 10.07
CA GLY C 210 -12.80 -6.62 9.06
C GLY C 210 -12.11 -7.02 7.79
N ALA C 211 -10.82 -6.78 7.70
CA ALA C 211 -10.04 -7.16 6.55
C ALA C 211 -9.46 -8.56 6.70
N ARG C 212 -9.64 -9.19 7.85
CA ARG C 212 -9.03 -10.49 8.09
C ARG C 212 -9.53 -11.53 7.10
N SER C 213 -8.61 -12.40 6.71
CA SER C 213 -8.88 -13.52 5.84
C SER C 213 -7.88 -14.61 6.15
N PHE C 214 -8.20 -15.82 5.68
CA PHE C 214 -7.26 -16.95 5.73
C PHE C 214 -5.95 -16.59 5.05
N GLN C 215 -6.02 -15.92 3.89
CA GLN C 215 -4.82 -15.54 3.17
C GLN C 215 -3.99 -14.55 3.96
N MET C 216 -4.64 -13.57 4.60
CA MET C 216 -3.90 -12.69 5.49
C MET C 216 -3.14 -13.50 6.53
N ASP C 217 -3.85 -14.36 7.28
CA ASP C 217 -3.22 -15.11 8.36
C ASP C 217 -2.05 -15.95 7.86
N VAL C 218 -2.25 -16.66 6.75
CA VAL C 218 -1.26 -17.63 6.29
C VAL C 218 -0.15 -16.96 5.50
N ARG C 219 -0.48 -16.27 4.40
CA ARG C 219 0.56 -15.78 3.52
C ARG C 219 1.02 -14.37 3.85
N GLY C 220 0.33 -13.64 4.74
CA GLY C 220 0.77 -12.34 5.12
C GLY C 220 2.11 -12.41 5.80
N PRO C 221 2.25 -13.27 6.80
CA PRO C 221 3.59 -13.46 7.40
C PRO C 221 4.70 -13.71 6.38
N TRP C 222 4.46 -14.58 5.38
CA TRP C 222 5.50 -14.83 4.38
C TRP C 222 5.80 -13.56 3.59
N ILE C 223 4.76 -12.86 3.14
CA ILE C 223 5.00 -11.62 2.41
C ILE C 223 5.82 -10.66 3.25
N ALA C 224 5.52 -10.61 4.55
CA ALA C 224 6.25 -9.72 5.44
C ALA C 224 7.69 -10.17 5.61
N ASN C 225 8.00 -11.43 5.30
CA ASN C 225 9.33 -12.01 5.46
C ASN C 225 10.10 -12.14 4.15
N ASP C 226 9.62 -11.53 3.06
CA ASP C 226 10.12 -11.75 1.70
C ASP C 226 10.34 -13.24 1.47
N ASP C 227 9.43 -14.07 1.93
CA ASP C 227 9.48 -15.52 1.73
C ASP C 227 8.46 -15.87 0.65
N PHE C 228 8.96 -16.29 -0.51
CA PHE C 228 8.10 -16.64 -1.63
C PHE C 228 8.27 -18.09 -2.05
N ALA C 229 8.81 -18.92 -1.16
CA ALA C 229 9.00 -20.32 -1.50
C ALA C 229 7.66 -20.96 -1.82
N ASN C 230 7.66 -21.74 -2.90
CA ASN C 230 6.49 -22.45 -3.38
C ASN C 230 5.81 -23.26 -2.28
N ARG C 231 4.57 -22.92 -1.97
CA ARG C 231 3.64 -23.80 -1.28
C ARG C 231 2.48 -24.19 -2.19
N PHE C 232 1.88 -23.19 -2.85
CA PHE C 232 0.94 -23.38 -3.94
C PHE C 232 1.47 -22.59 -5.13
N GLY C 233 1.95 -23.29 -6.15
CA GLY C 233 2.67 -22.62 -7.23
C GLY C 233 1.87 -21.53 -7.90
N LEU C 234 2.54 -20.41 -8.20
CA LEU C 234 1.85 -19.28 -8.82
C LEU C 234 1.19 -19.69 -10.14
N ASP C 235 1.86 -20.52 -10.97
CA ASP C 235 1.23 -20.91 -12.22
C ASP C 235 0.06 -21.87 -12.02
N LEU C 236 0.09 -22.70 -10.97
CA LEU C 236 -1.09 -23.50 -10.68
C LEU C 236 -2.27 -22.62 -10.31
N ALA C 237 -2.02 -21.64 -9.44
CA ALA C 237 -3.05 -20.67 -9.10
C ALA C 237 -3.60 -20.00 -10.35
N LEU C 238 -2.71 -19.52 -11.23
CA LEU C 238 -3.15 -18.81 -12.44
C LEU C 238 -3.98 -19.72 -13.34
N LYS C 239 -3.56 -20.96 -13.51
CA LYS C 239 -4.37 -21.91 -14.25
C LYS C 239 -5.78 -21.98 -13.69
N ASP C 240 -5.92 -22.16 -12.37
CA ASP C 240 -7.25 -22.32 -11.77
C ASP C 240 -8.09 -21.05 -11.86
N VAL C 241 -7.46 -19.88 -11.65
CA VAL C 241 -8.21 -18.63 -11.74
C VAL C 241 -8.63 -18.38 -13.19
N ARG C 242 -7.72 -18.58 -14.15
CA ARG C 242 -8.09 -18.40 -15.55
C ARG C 242 -9.24 -19.32 -15.93
N LEU C 243 -9.17 -20.59 -15.50
CA LEU C 243 -10.25 -21.52 -15.84
C LEU C 243 -11.57 -21.07 -15.26
N GLY C 244 -11.58 -20.67 -13.98
CA GLY C 244 -12.82 -20.20 -13.36
C GLY C 244 -13.38 -18.93 -13.99
N CYS C 245 -12.51 -17.99 -14.36
CA CYS C 245 -12.99 -16.79 -15.03
C CYS C 245 -13.61 -17.13 -16.39
N GLU C 246 -12.98 -18.04 -17.14
CA GLU C 246 -13.54 -18.52 -18.41
C GLU C 246 -14.86 -19.23 -18.18
N MET C 247 -14.96 -19.97 -17.08
CA MET C 247 -16.19 -20.62 -16.68
C MET C 247 -17.32 -19.61 -16.49
N ALA C 248 -17.02 -18.53 -15.74
CA ALA C 248 -18.04 -17.53 -15.44
C ALA C 248 -18.42 -16.73 -16.66
N GLU C 249 -17.46 -16.30 -17.48
CA GLU C 249 -17.90 -15.50 -18.61
C GLU C 249 -18.58 -16.34 -19.67
N ALA C 250 -18.51 -17.68 -19.57
CA ALA C 250 -19.43 -18.55 -20.30
C ALA C 250 -20.87 -18.46 -19.77
N TRP C 251 -21.03 -18.06 -18.52
CA TRP C 251 -22.36 -17.83 -17.96
C TRP C 251 -22.80 -16.38 -18.10
N GLY C 252 -22.07 -15.58 -18.87
CA GLY C 252 -22.42 -14.20 -19.08
C GLY C 252 -22.04 -13.28 -17.95
N MET C 253 -21.09 -13.68 -17.12
CA MET C 253 -20.74 -12.94 -15.93
C MET C 253 -19.66 -11.94 -16.24
N LYS C 254 -19.48 -11.05 -15.32
CA LYS C 254 -18.58 -9.92 -15.47
C LYS C 254 -17.47 -9.89 -14.43
N ILE C 255 -17.79 -10.22 -13.17
CA ILE C 255 -16.93 -10.40 -12.00
C ILE C 255 -15.68 -9.54 -12.03
N PRO C 256 -15.81 -8.21 -12.00
CA PRO C 256 -14.63 -7.35 -12.26
C PRO C 256 -13.46 -7.57 -11.29
N ALA C 257 -13.73 -7.76 -9.99
CA ALA C 257 -12.65 -7.87 -9.01
C ALA C 257 -11.81 -9.12 -9.26
N MET C 258 -12.47 -10.26 -9.51
CA MET C 258 -11.74 -11.47 -9.82
C MET C 258 -10.97 -11.34 -11.13
N MET C 259 -11.55 -10.65 -12.12
CA MET C 259 -10.82 -10.40 -13.36
C MET C 259 -9.56 -9.61 -13.11
N ALA C 260 -9.60 -8.67 -12.15
CA ALA C 260 -8.38 -7.91 -11.83
C ALA C 260 -7.32 -8.82 -11.23
N ALA C 261 -7.75 -9.71 -10.34
CA ALA C 261 -6.82 -10.71 -9.81
C ALA C 261 -6.23 -11.57 -10.93
N LEU C 262 -7.08 -12.03 -11.85
CA LEU C 262 -6.60 -12.80 -12.99
C LEU C 262 -5.52 -12.04 -13.75
N GLY C 263 -5.77 -10.75 -14.00
CA GLY C 263 -4.76 -9.93 -14.65
C GLY C 263 -3.44 -9.88 -13.89
N ILE C 264 -3.50 -9.64 -12.57
CA ILE C 264 -2.24 -9.56 -11.82
C ILE C 264 -1.50 -10.90 -11.81
N PHE C 265 -2.24 -12.01 -11.84
CA PHE C 265 -1.58 -13.30 -11.88
C PHE C 265 -0.91 -13.53 -13.22
N LYS C 266 -1.60 -13.20 -14.32
CA LYS C 266 -0.97 -13.26 -15.64
C LYS C 266 0.28 -12.39 -15.68
N LYS C 267 0.20 -11.17 -15.13
CA LYS C 267 1.36 -10.28 -15.11
C LYS C 267 2.53 -10.93 -14.38
N ALA C 268 2.24 -11.57 -13.24
CA ALA C 268 3.30 -12.24 -12.49
C ALA C 268 3.91 -13.36 -13.30
N SER C 269 3.07 -14.26 -13.83
CA SER C 269 3.55 -15.35 -14.66
C SER C 269 4.41 -14.84 -15.82
N ALA C 270 4.02 -13.71 -16.43
CA ALA C 270 4.78 -13.15 -17.55
C ALA C 270 6.15 -12.64 -17.11
N THR C 271 6.24 -12.06 -15.89
CA THR C 271 7.55 -11.77 -15.30
C THR C 271 8.38 -13.04 -15.07
N GLY C 272 7.77 -14.21 -15.20
CA GLY C 272 8.50 -15.44 -15.07
C GLY C 272 8.67 -15.86 -13.63
N LEU C 273 7.64 -15.69 -12.81
CA LEU C 273 7.73 -16.12 -11.42
C LEU C 273 6.54 -17.02 -11.09
N GLY C 274 6.20 -17.89 -12.05
CA GLY C 274 5.15 -18.88 -11.91
C GLY C 274 5.53 -20.07 -11.06
N SER C 275 6.84 -20.27 -10.80
CA SER C 275 7.32 -21.36 -9.95
C SER C 275 7.37 -21.00 -8.47
N GLU C 276 7.25 -19.73 -8.15
CA GLU C 276 7.26 -19.27 -6.77
C GLU C 276 5.86 -19.46 -6.16
N ASP C 277 5.72 -19.16 -4.87
CA ASP C 277 4.38 -19.27 -4.31
C ASP C 277 3.47 -18.19 -4.89
N CYS C 278 2.16 -18.38 -4.67
CA CYS C 278 1.15 -17.36 -4.94
C CYS C 278 1.57 -15.95 -4.55
N ASN C 279 1.99 -15.80 -3.31
CA ASN C 279 2.21 -14.50 -2.73
C ASN C 279 3.21 -13.70 -3.52
N ALA C 280 3.93 -14.34 -4.46
CA ALA C 280 4.85 -13.63 -5.32
C ALA C 280 4.18 -12.59 -6.20
N ILE C 281 2.84 -12.62 -6.33
CA ILE C 281 2.13 -11.53 -7.03
C ILE C 281 2.36 -10.21 -6.33
N TYR C 282 2.64 -10.25 -5.03
CA TYR C 282 3.06 -9.05 -4.32
C TYR C 282 4.19 -8.33 -5.04
N LYS C 283 5.12 -9.09 -5.61
CA LYS C 283 6.29 -8.50 -6.27
C LYS C 283 5.94 -7.77 -7.54
N VAL C 284 4.71 -7.91 -8.03
CA VAL C 284 4.34 -7.27 -9.28
C VAL C 284 3.05 -6.46 -9.10
N THR C 285 2.65 -6.26 -7.83
CA THR C 285 1.43 -5.52 -7.49
C THR C 285 1.71 -4.02 -7.37
N GLU C 286 0.94 -3.23 -8.09
CA GLU C 286 1.03 -1.78 -8.00
C GLU C 286 -0.31 -1.19 -8.39
S SO4 D . 34.38 31.97 4.01
O1 SO4 D . 35.73 31.49 3.68
O2 SO4 D . 33.71 30.91 4.77
O3 SO4 D . 34.47 33.17 4.85
O4 SO4 D . 33.64 32.27 2.77
S SO4 E . 27.23 34.53 -1.95
O1 SO4 E . 27.51 33.98 -3.30
O2 SO4 E . 27.35 33.47 -0.96
O3 SO4 E . 28.23 35.57 -1.60
O4 SO4 E . 25.86 35.06 -1.86
S SO4 F . 5.64 13.98 8.45
O1 SO4 F . 4.95 13.59 7.20
O2 SO4 F . 5.60 12.87 9.40
O3 SO4 F . 7.06 14.26 8.20
O4 SO4 F . 4.96 15.13 9.04
S SO4 G . -19.80 -5.26 21.21
O1 SO4 G . -19.87 -5.36 19.74
O2 SO4 G . -20.04 -6.57 21.80
O3 SO4 G . -18.48 -4.76 21.65
O4 SO4 G . -20.81 -4.33 21.72
S SO4 H . -1.54 -23.59 1.40
O1 SO4 H . -1.09 -22.38 0.68
O2 SO4 H . -0.35 -24.38 1.75
O3 SO4 H . -2.30 -23.30 2.63
O4 SO4 H . -2.40 -24.29 0.44
#